data_7SWY
#
_entry.id   7SWY
#
_cell.length_a   1.00
_cell.length_b   1.00
_cell.length_c   1.00
_cell.angle_alpha   90.00
_cell.angle_beta   90.00
_cell.angle_gamma   90.00
#
_symmetry.space_group_name_H-M   'P 1'
#
loop_
_entity.id
_entity.type
_entity.pdbx_description
1 polymer 'Histone H3'
2 polymer 'Histone H4'
3 polymer 'Histone H2A'
4 polymer 'Histone H2B'
5 polymer 'DNA Tracking Strand'
6 polymer 'DNA Guide Strand'
#
loop_
_entity_poly.entity_id
_entity_poly.type
_entity_poly.pdbx_seq_one_letter_code
_entity_poly.pdbx_strand_id
1 'polypeptide(L)'
;ARTKQTARKSTGGKAPRKQLATKAARKSAPATGGVKKPHRYRPGTVALREIRRYQKSTELLIRKLPFQRLVREIAQDFKT
DLRFQSSAVMALQEASEAYLVALFEDTNLAAIHAKRVTIMPKDIQLARRIRGERA
;
A,E
2 'polypeptide(L)'
;SGRGKGGKGLGKGGAKRHRKVLRDNIQGITKPAIRRLARRGGVKRISGLIYEETRGVLKVFLENVIRDAVTYTEHAKRKT
VTAMDVVYALKRQGRTLYGFGG
;
B,F
3 'polypeptide(L)'
;SGRGKQGGKTRAKAKTRSSRAGLQFPVGRVHRLLRKGNYAERVGAGAPVYLAAVLEYLTAEILELAGNAARDNKKTRIIP
RHLQLAVRNDEELNKLLGRVTIAQGGVLPNIQSVLLPKKTESSKSAKSK
;
C,G
4 'polypeptide(L)'
;AKSAPAPKKGSKKAVTKTQKKDGKKRRKTRKESYAIYVYKVLKQVHPDTGISCKAMSIMNSFVNDVFERIAGEASRLAHY
NKRSTITSREIQTAVRLLLPGELAKHAVSEGTKAVTKYTSAK
;
D,H
5 'polydeoxyribonucleotide'
;(DA)(DG)(DT)(DT)(DC)(DA)(DT)(DC)(DC)(DC)(DT)(DT)(DA)(DT)(DG)(DT)(DG)(DA)(DT)(DG)
(DG)(DA)(DC)(DC)(DC)(DT)(DA)(DT)(DA)(DC)(DG)(DC)(DG)(DG)(DC)(DC)(DG)(DC)(DC)(DC)
(DT)(DG)(DG)(DA)(DG)(DA)(DA)(DT)(DC)(DC)(DC)(DG)(DG)(DT)(DG)(DC)(DC)(DG)(DA)(DG)
(DG)(DC)(DC)(DG)(DC)(DT)(DC)(DA)(DA)(DT)(DT)(DG)(DG)(DT)(DC)(DG)(DT)(DA)(DG)(DA)
(DC)(DA)(DG)(DC)(DT)(DC)(DT)(DA)(DG)(DC)(DA)(DA)(DC)(DC)(DG)(DC)(DT)(DT)(DA)(DA)
(DA)(DC)(DG)(DC)(DA)(DC)(DG)(DT)(DA)(DC)(DG)(DC)(DG)(DC)(DT)(DG)(DT)(DC)(DC)(DC)
(DC)(DC)(DG)(DC)(DG)(DT)(DT)(DT)(DT)(DA)(DA)(DC)(DC)(DG)(DC)(DC)(DA)(DA)(DG)(DG)
(DG)(DG)(DA)(DT)(DT)(DA)(DC)(DT)(DC)(DC)(DC)(DT)(DA)(DG)(DT)(DC)(DT)(DC)(DC)(DA)
(DG)(DG)(DC)(DA)(DC)(DG)(DT)(DG)(DT)(DC)(DA)(DG)(DA)(DT)(DA)(DT)(DA)(DT)(DA)(DC)
(DA)(DT)(DC)(DC)(DT)(DG)(DT)(DG)(DC)(DA)(DT)(DG)(DT)(DA)(DT)(DT)(DG)(DA)(DA)(DC)
(DA)(DG)(DC)(DG)(DA)(DC)(DC)(DT)(DT)(DG)(DC)(DC)(DG)(DG)(DT)(DG)(DC)(DC)(DA)(DG)
(DT)(DC)(DG)(DG)(DA)(DT)
;
I
6 'polydeoxyribonucleotide'
;(DA)(DT)(DC)(DC)(DG)(DA)(DC)(DT)(DG)(DG)(DC)(DA)(DC)(DC)(DG)(DG)(DC)(DA)(DA)(DG)
(DG)(DT)(DC)(DG)(DC)(DT)(DG)(DT)(DT)(DC)(DA)(DA)(DT)(DA)(DC)(DA)(DT)(DG)(DC)(DA)
(DC)(DA)(DG)(DG)(DA)(DT)(DG)(DT)(DA)(DT)(DA)(DT)(DA)(DT)(DC)(DT)(DG)(DA)(DC)(DA)
(DC)(DG)(DT)(DG)(DC)(DC)(DT)(DG)(DG)(DA)(DG)(DA)(DC)(DT)(DA)(DG)(DG)(DG)(DA)(DG)
(DT)(DA)(DA)(DT)(DC)(DC)(DC)(DC)(DT)(DT)(DG)(DG)(DC)(DG)(DG)(DT)(DT)(DA)(DA)(DA)
(DA)(DC)(DG)(DC)(DG)(DG)(DG)(DG)(DG)(DA)(DC)(DA)(DG)(DC)(DG)(DC)(DG)(DT)(DA)(DC)
(DG)(DT)(DG)(DC)(DG)(DT)(DT)(DT)(DA)(DA)(DG)(DC)(DG)(DG)(DT)(DT)(DG)(DC)(DT)(DA)
(DG)(DA)(DG)(DC)(DT)(DG)(DT)(DC)(DT)(DA)(DC)(DG)(DA)(DC)(DC)(DA)(DA)(DT)(DT)(DG)
(DA)(DG)(DC)(DG)(DG)(DC)(DC)(DT)(DC)(DG)(DG)(DC)(DA)(DC)(DC)(DG)(DG)(DG)(DA)(DT)
(DT)(DC)(DT)(DC)(DC)(DA)(DG)(DG)(DG)(DC)(DG)(DG)(DC)(DC)(DG)(DC)(DG)(DT)(DA)(DT)
(DA)(DG)(DG)(DG)(DT)(DC)(DC)(DA)(DT)(DC)(DA)(DC)(DA)(DT)(DA)(DA)(DG)(DG)(DG)(DA)
(DT)(DG)(DA)(DA)(DC)(DT)
;
J
#
# COMPACT_ATOMS: atom_id res chain seq x y z
N HIS A 39 39.01 -12.90 -34.38
CA HIS A 39 38.55 -13.40 -33.09
C HIS A 39 37.13 -12.92 -32.78
N ARG A 40 36.26 -13.84 -32.40
CA ARG A 40 34.89 -13.54 -32.07
C ARG A 40 34.45 -14.38 -30.89
N TYR A 41 33.84 -13.75 -29.89
CA TYR A 41 33.30 -14.48 -28.76
C TYR A 41 31.95 -15.08 -29.12
N ARG A 42 31.63 -16.22 -28.48
CA ARG A 42 30.34 -16.91 -28.80
C ARG A 42 29.20 -15.96 -28.46
N PRO A 43 28.08 -15.93 -29.22
CA PRO A 43 26.96 -15.09 -28.85
C PRO A 43 26.59 -15.57 -27.44
N GLY A 44 26.47 -14.63 -26.49
CA GLY A 44 26.22 -15.05 -25.09
C GLY A 44 27.38 -14.70 -24.17
N THR A 45 28.64 -14.93 -24.59
CA THR A 45 29.72 -14.67 -23.65
C THR A 45 29.82 -13.18 -23.33
N VAL A 46 29.50 -12.33 -24.31
CA VAL A 46 29.59 -10.89 -24.09
C VAL A 46 28.32 -10.36 -23.45
N ALA A 47 27.61 -11.20 -22.72
CA ALA A 47 26.39 -10.77 -22.03
C ALA A 47 26.35 -11.33 -20.62
N ARG A 49 29.17 -11.16 -19.26
CA ARG A 49 30.13 -10.10 -19.00
C ARG A 49 29.45 -8.77 -18.73
N GLU A 50 28.55 -8.38 -19.62
CA GLU A 50 27.83 -7.12 -19.44
C GLU A 50 26.92 -7.17 -18.22
N ILE A 51 26.30 -8.32 -17.95
CA ILE A 51 25.47 -8.44 -16.76
C ILE A 51 26.31 -8.23 -15.50
N ARG A 52 27.48 -8.85 -15.45
CA ARG A 52 28.36 -8.67 -14.30
C ARG A 52 28.87 -7.24 -14.21
N ARG A 53 29.13 -6.60 -15.34
CA ARG A 53 29.63 -5.24 -15.32
C ARG A 53 28.58 -4.26 -14.82
N TYR A 54 27.33 -4.42 -15.25
CA TYR A 54 26.29 -3.48 -14.87
C TYR A 54 25.58 -3.84 -13.57
N GLN A 55 25.82 -5.03 -13.03
CA GLN A 55 25.33 -5.34 -11.70
C GLN A 55 26.35 -5.01 -10.62
N LYS A 56 27.59 -4.72 -11.00
CA LYS A 56 28.63 -4.29 -10.08
C LYS A 56 28.66 -2.79 -9.87
N SER A 57 28.32 -2.01 -10.89
CA SER A 57 28.35 -0.57 -10.80
C SER A 57 27.04 -0.04 -10.24
N THR A 58 26.99 1.29 -10.05
CA THR A 58 25.82 1.95 -9.49
C THR A 58 25.39 3.18 -10.26
N GLU A 59 26.10 3.56 -11.31
CA GLU A 59 25.81 4.82 -11.98
C GLU A 59 24.54 4.69 -12.82
N LEU A 60 24.04 5.85 -13.27
CA LEU A 60 22.83 5.88 -14.07
C LEU A 60 23.13 5.46 -15.50
N LEU A 61 22.23 4.65 -16.07
CA LEU A 61 22.44 4.04 -17.37
C LEU A 61 21.81 4.82 -18.52
N ILE A 62 20.89 5.72 -18.24
CA ILE A 62 20.32 6.61 -19.24
C ILE A 62 21.09 7.92 -19.21
N ARG A 63 21.24 8.54 -20.37
CA ARG A 63 21.94 9.81 -20.44
C ARG A 63 21.05 10.93 -19.92
N LYS A 64 21.67 12.05 -19.54
CA LYS A 64 20.99 13.02 -18.70
C LYS A 64 20.21 14.04 -19.52
N LEU A 65 20.83 14.58 -20.57
CA LEU A 65 20.13 15.55 -21.40
C LEU A 65 18.89 14.99 -22.07
N PRO A 66 18.92 13.81 -22.70
CA PRO A 66 17.67 13.27 -23.27
C PRO A 66 16.58 13.03 -22.25
N PHE A 67 16.94 12.51 -21.08
CA PHE A 67 15.94 12.29 -20.05
C PHE A 67 15.35 13.60 -19.55
N GLN A 68 16.19 14.62 -19.40
CA GLN A 68 15.69 15.93 -18.97
C GLN A 68 14.75 16.53 -20.00
N ARG A 69 15.10 16.44 -21.28
CA ARG A 69 14.19 16.91 -22.32
C ARG A 69 12.87 16.15 -22.31
N LEU A 70 12.92 14.83 -22.12
CA LEU A 70 11.69 14.06 -22.06
C LEU A 70 10.82 14.48 -20.87
N VAL A 71 11.45 14.74 -19.73
CA VAL A 71 10.69 15.14 -18.55
C VAL A 71 10.03 16.49 -18.76
N ARG A 72 10.77 17.45 -19.32
CA ARG A 72 10.17 18.73 -19.61
C ARG A 72 9.04 18.63 -20.62
N GLU A 73 9.19 17.79 -21.64
CA GLU A 73 8.12 17.61 -22.61
C GLU A 73 6.87 17.00 -21.99
N ILE A 74 7.06 16.01 -21.11
CA ILE A 74 5.90 15.41 -20.45
C ILE A 74 5.20 16.42 -19.55
N ALA A 75 5.98 17.19 -18.79
CA ALA A 75 5.39 18.17 -17.89
C ALA A 75 4.76 19.33 -18.64
N GLN A 76 5.14 19.54 -19.90
CA GLN A 76 4.53 20.59 -20.70
C GLN A 76 3.02 20.50 -20.76
N ASP A 77 2.46 19.30 -20.66
CA ASP A 77 1.02 19.10 -20.83
C ASP A 77 0.22 19.28 -19.55
N PHE A 78 0.87 19.54 -18.42
CA PHE A 78 0.17 19.80 -17.17
C PHE A 78 0.16 21.25 -16.77
N LYS A 79 1.21 22.01 -17.10
CA LYS A 79 1.27 23.43 -16.83
C LYS A 79 2.41 24.01 -17.66
N THR A 80 2.15 25.16 -18.27
CA THR A 80 3.13 25.79 -19.14
C THR A 80 4.10 26.66 -18.34
N ASP A 81 5.32 26.78 -18.86
CA ASP A 81 6.36 27.61 -18.26
C ASP A 81 6.69 27.16 -16.84
N LEU A 82 7.03 25.88 -16.72
CA LEU A 82 7.48 25.32 -15.46
C LEU A 82 9.00 25.35 -15.39
N ARG A 83 9.51 25.28 -14.16
CA ARG A 83 10.94 25.21 -13.91
C ARG A 83 11.22 24.01 -13.03
N PHE A 84 12.45 23.52 -13.08
CA PHE A 84 12.85 22.34 -12.34
C PHE A 84 14.16 22.60 -11.62
N GLN A 85 14.28 22.09 -10.40
CA GLN A 85 15.58 21.97 -9.78
C GLN A 85 16.31 20.77 -10.35
N SER A 86 17.63 20.89 -10.47
CA SER A 86 18.42 19.77 -10.97
C SER A 86 18.23 18.51 -10.14
N SER A 87 18.03 18.87 -8.74
CA SER A 87 17.76 17.80 -7.75
C SER A 87 16.50 17.03 -8.16
N ALA A 88 15.52 17.65 -8.66
CA ALA A 88 14.24 17.05 -9.03
C ALA A 88 14.39 16.12 -10.23
N VAL A 89 15.11 16.56 -11.25
CA VAL A 89 15.34 15.70 -12.41
C VAL A 89 16.17 14.49 -12.04
N MET A 90 17.16 14.64 -11.17
CA MET A 90 17.95 13.49 -10.76
C MET A 90 17.11 12.50 -9.95
N ALA A 91 16.21 12.99 -9.11
CA ALA A 91 15.31 12.11 -8.38
C ALA A 91 14.40 11.34 -9.34
N LEU A 92 13.85 12.05 -10.34
CA LEU A 92 13.03 11.38 -11.33
C LEU A 92 13.80 10.28 -12.06
N GLN A 93 15.05 10.57 -12.43
CA GLN A 93 15.83 9.58 -13.17
C GLN A 93 16.15 8.38 -12.29
N GLU A 94 16.54 8.60 -11.05
CA GLU A 94 16.79 7.49 -10.13
C GLU A 94 15.57 6.61 -9.99
N ALA A 95 14.40 7.22 -9.72
CA ALA A 95 13.18 6.45 -9.55
C ALA A 95 12.82 5.66 -10.79
N SER A 96 12.89 6.29 -11.97
CA SER A 96 12.49 5.59 -13.19
C SER A 96 13.46 4.46 -13.55
N GLU A 97 14.76 4.66 -13.37
CA GLU A 97 15.69 3.58 -13.62
C GLU A 97 15.51 2.41 -12.67
N ALA A 98 15.29 2.69 -11.38
CA ALA A 98 14.99 1.59 -10.46
C ALA A 98 13.73 0.84 -10.86
N TYR A 99 12.70 1.59 -11.27
CA TYR A 99 11.46 0.95 -11.72
C TYR A 99 11.69 0.04 -12.91
N LEU A 100 12.47 0.50 -13.88
CA LEU A 100 12.69 -0.31 -15.08
C LEU A 100 13.53 -1.55 -14.78
N VAL A 101 14.53 -1.43 -13.91
CA VAL A 101 15.33 -2.60 -13.55
C VAL A 101 14.47 -3.64 -12.83
N ALA A 102 13.69 -3.19 -11.85
CA ALA A 102 12.80 -4.11 -11.15
C ALA A 102 11.77 -4.76 -12.08
N LEU A 103 11.30 -4.04 -13.09
CA LEU A 103 10.38 -4.64 -14.06
C LEU A 103 11.08 -5.66 -14.94
N PHE A 104 12.31 -5.38 -15.37
CA PHE A 104 13.05 -6.34 -16.18
C PHE A 104 13.36 -7.63 -15.45
N GLU A 105 13.56 -7.56 -14.14
CA GLU A 105 13.75 -8.81 -13.39
C GLU A 105 12.53 -9.73 -13.50
N ASP A 106 11.33 -9.19 -13.28
CA ASP A 106 10.11 -9.99 -13.39
C ASP A 106 9.88 -10.44 -14.83
N THR A 107 10.21 -9.59 -15.80
CA THR A 107 10.10 -9.99 -17.20
C THR A 107 10.99 -11.20 -17.49
N ASN A 108 12.20 -11.21 -16.95
CA ASN A 108 13.07 -12.36 -17.14
C ASN A 108 12.52 -13.59 -16.46
N LEU A 109 11.93 -13.43 -15.28
CA LEU A 109 11.28 -14.57 -14.62
C LEU A 109 10.20 -15.17 -15.51
N ALA A 110 9.37 -14.32 -16.12
CA ALA A 110 8.31 -14.81 -17.00
C ALA A 110 8.87 -15.49 -18.24
N ALA A 111 9.93 -14.93 -18.83
CA ALA A 111 10.56 -15.55 -19.99
C ALA A 111 11.11 -16.92 -19.66
N ILE A 112 11.70 -17.07 -18.48
CA ILE A 112 12.21 -18.38 -18.07
C ILE A 112 11.07 -19.34 -17.79
N HIS A 113 9.96 -18.83 -17.25
CA HIS A 113 8.79 -19.68 -17.02
C HIS A 113 8.27 -20.23 -18.33
N ALA A 114 8.30 -19.44 -19.39
CA ALA A 114 7.87 -19.91 -20.71
C ALA A 114 8.93 -20.73 -21.43
N LYS A 115 10.01 -21.12 -20.73
CA LYS A 115 11.06 -21.98 -21.29
C LYS A 115 11.80 -21.31 -22.44
N ARG A 116 11.97 -20.00 -22.35
CA ARG A 116 12.75 -19.24 -23.31
C ARG A 116 13.87 -18.52 -22.59
N VAL A 117 14.80 -17.96 -23.36
CA VAL A 117 15.83 -17.08 -22.82
C VAL A 117 15.72 -15.67 -23.35
N THR A 118 14.86 -15.43 -24.34
CA THR A 118 14.65 -14.11 -24.93
C THR A 118 13.39 -13.51 -24.31
N ILE A 119 13.48 -12.24 -23.92
CA ILE A 119 12.32 -11.55 -23.38
C ILE A 119 11.53 -10.94 -24.53
N MET A 120 10.22 -10.98 -24.41
CA MET A 120 9.29 -10.54 -25.45
C MET A 120 8.23 -9.65 -24.83
N PRO A 121 7.58 -8.81 -25.64
CA PRO A 121 6.57 -7.90 -25.07
C PRO A 121 5.47 -8.59 -24.28
N LYS A 122 5.13 -9.83 -24.64
CA LYS A 122 4.16 -10.57 -23.85
C LYS A 122 4.65 -10.84 -22.44
N ASP A 123 5.96 -10.97 -22.25
CA ASP A 123 6.51 -11.12 -20.90
C ASP A 123 6.34 -9.86 -20.07
N ILE A 124 6.63 -8.70 -20.66
CA ILE A 124 6.39 -7.43 -19.97
C ILE A 124 4.92 -7.29 -19.62
N GLN A 125 4.04 -7.64 -20.56
CA GLN A 125 2.61 -7.51 -20.31
C GLN A 125 2.14 -8.43 -19.18
N LEU A 126 2.59 -9.68 -19.17
CA LEU A 126 2.24 -10.57 -18.08
C LEU A 126 2.76 -10.06 -16.74
N ALA A 127 4.01 -9.61 -16.71
CA ALA A 127 4.57 -9.08 -15.48
C ALA A 127 3.77 -7.90 -14.95
N ARG A 128 3.46 -6.94 -15.83
CA ARG A 128 2.68 -5.79 -15.41
C ARG A 128 1.27 -6.14 -15.00
N ARG A 129 0.68 -7.17 -15.61
CA ARG A 129 -0.68 -7.54 -15.25
C ARG A 129 -0.74 -8.24 -13.89
N ILE A 130 0.21 -9.14 -13.62
CA ILE A 130 0.18 -9.84 -12.33
C ILE A 130 0.48 -8.89 -11.19
N ARG A 131 1.35 -7.90 -11.43
CA ARG A 131 1.64 -6.90 -10.41
C ARG A 131 0.40 -6.12 -9.99
N GLY A 132 -0.49 -5.83 -10.92
CA GLY A 132 -1.65 -5.01 -10.65
C GLY A 132 -1.67 -3.70 -11.40
N GLU A 133 -0.93 -3.57 -12.49
CA GLU A 133 -0.86 -2.34 -13.25
C GLU A 133 -1.69 -2.36 -14.53
N ARG A 134 -2.05 -3.55 -15.01
CA ARG A 134 -2.92 -3.67 -16.17
C ARG A 134 -4.21 -4.37 -15.78
N LYS B 20 9.63 26.84 -25.91
CA LYS B 20 9.32 26.22 -27.19
C LYS B 20 8.81 24.79 -26.97
N VAL B 21 7.98 24.32 -27.91
CA VAL B 21 7.43 22.99 -27.81
C VAL B 21 8.51 21.95 -28.07
N LEU B 22 8.30 20.75 -27.55
CA LEU B 22 9.25 19.65 -27.68
C LEU B 22 8.58 18.49 -28.41
N ARG B 23 9.39 17.67 -29.08
CA ARG B 23 8.86 16.66 -29.97
C ARG B 23 9.27 15.24 -29.59
N ASP B 24 10.02 14.57 -30.47
CA ASP B 24 10.34 13.14 -30.31
C ASP B 24 11.45 12.96 -29.28
N ASN B 25 11.10 13.23 -28.03
CA ASN B 25 12.05 13.07 -26.94
C ASN B 25 11.99 11.70 -26.30
N ILE B 26 10.96 10.91 -26.59
CA ILE B 26 10.94 9.53 -26.12
C ILE B 26 11.91 8.69 -26.92
N GLN B 27 12.28 9.14 -28.13
CA GLN B 27 13.28 8.45 -28.90
C GLN B 27 14.69 8.76 -28.40
N GLY B 28 14.81 9.74 -27.50
CA GLY B 28 16.09 9.99 -26.87
C GLY B 28 16.48 8.91 -25.89
N ILE B 29 15.51 8.08 -25.49
CA ILE B 29 15.79 6.89 -24.70
C ILE B 29 16.23 5.81 -25.67
N THR B 30 17.53 5.76 -25.95
CA THR B 30 18.05 4.95 -27.04
C THR B 30 17.94 3.46 -26.73
N LYS B 31 18.26 2.67 -27.73
CA LYS B 31 18.24 1.21 -27.65
C LYS B 31 19.38 0.68 -26.79
N PRO B 32 20.61 1.17 -26.93
CA PRO B 32 21.67 0.70 -26.02
C PRO B 32 21.42 1.02 -24.56
N ALA B 33 20.74 2.13 -24.26
CA ALA B 33 20.41 2.41 -22.87
C ALA B 33 19.42 1.40 -22.32
N ILE B 34 18.41 1.03 -23.11
CA ILE B 34 17.47 0.01 -22.69
C ILE B 34 18.17 -1.33 -22.53
N ARG B 35 19.14 -1.62 -23.40
CA ARG B 35 19.92 -2.84 -23.25
C ARG B 35 20.72 -2.84 -21.96
N ARG B 36 21.30 -1.71 -21.59
CA ARG B 36 22.02 -1.63 -20.31
C ARG B 36 21.08 -1.82 -19.13
N LEU B 37 19.91 -1.18 -19.17
CA LEU B 37 18.93 -1.35 -18.11
C LEU B 37 18.49 -2.80 -17.98
N ALA B 38 18.41 -3.51 -19.11
CA ALA B 38 18.05 -4.93 -19.04
C ALA B 38 19.21 -5.79 -18.56
N ARG B 39 20.45 -5.42 -18.91
CA ARG B 39 21.60 -6.14 -18.41
C ARG B 39 21.69 -6.06 -16.90
N ARG B 40 21.49 -4.87 -16.33
CA ARG B 40 21.46 -4.78 -14.87
C ARG B 40 20.30 -5.59 -14.27
N GLY B 41 19.28 -5.89 -15.05
CA GLY B 41 18.22 -6.76 -14.62
C GLY B 41 18.48 -8.25 -14.77
N GLY B 42 19.56 -8.62 -15.44
CA GLY B 42 19.90 -10.02 -15.58
C GLY B 42 19.39 -10.69 -16.83
N VAL B 43 19.21 -9.94 -17.91
CA VAL B 43 18.60 -10.46 -19.14
C VAL B 43 19.69 -10.74 -20.16
N LYS B 44 19.58 -11.89 -20.83
CA LYS B 44 20.56 -12.33 -21.81
C LYS B 44 20.20 -11.92 -23.24
N ARG B 45 19.09 -12.43 -23.77
CA ARG B 45 18.63 -12.08 -25.10
C ARG B 45 17.44 -11.15 -25.01
N ILE B 46 17.29 -10.30 -26.03
CA ILE B 46 16.25 -9.28 -26.05
C ILE B 46 15.62 -9.25 -27.44
N SER B 47 14.30 -9.41 -27.49
CA SER B 47 13.59 -9.29 -28.75
C SER B 47 13.62 -7.85 -29.25
N GLY B 48 13.53 -7.71 -30.58
CA GLY B 48 13.58 -6.39 -31.18
C GLY B 48 12.38 -5.52 -30.86
N LEU B 49 11.27 -6.13 -30.47
CA LEU B 49 10.05 -5.39 -30.16
C LEU B 49 9.99 -4.93 -28.71
N ILE B 50 11.09 -5.02 -27.97
CA ILE B 50 11.07 -4.69 -26.55
C ILE B 50 11.26 -3.19 -26.34
N TYR B 51 11.89 -2.51 -27.30
CA TYR B 51 12.27 -1.12 -27.08
C TYR B 51 11.06 -0.19 -27.08
N GLU B 52 10.14 -0.37 -28.04
CA GLU B 52 8.93 0.44 -28.04
C GLU B 52 8.04 0.15 -26.83
N GLU B 53 7.92 -1.12 -26.45
CA GLU B 53 7.18 -1.48 -25.25
C GLU B 53 7.75 -0.78 -24.03
N THR B 54 9.08 -0.81 -23.90
CA THR B 54 9.74 -0.18 -22.76
C THR B 54 9.55 1.33 -22.76
N ARG B 55 9.61 1.96 -23.94
CA ARG B 55 9.37 3.39 -24.00
C ARG B 55 7.95 3.74 -23.58
N GLY B 56 6.96 2.97 -24.03
CA GLY B 56 5.60 3.21 -23.58
C GLY B 56 5.43 3.07 -22.07
N VAL B 57 6.02 2.02 -21.49
CA VAL B 57 5.92 1.82 -20.06
C VAL B 57 6.56 2.97 -19.30
N LEU B 58 7.76 3.39 -19.73
CA LEU B 58 8.43 4.51 -19.08
C LEU B 58 7.60 5.79 -19.18
N LYS B 59 7.00 6.04 -20.34
CA LYS B 59 6.20 7.24 -20.51
C LYS B 59 4.99 7.24 -19.56
N VAL B 60 4.33 6.09 -19.42
CA VAL B 60 3.21 6.01 -18.50
C VAL B 60 3.66 6.28 -17.07
N PHE B 61 4.75 5.65 -16.63
CA PHE B 61 5.24 5.86 -15.28
C PHE B 61 5.58 7.33 -15.03
N LEU B 62 6.30 7.95 -15.96
CA LEU B 62 6.69 9.35 -15.82
C LEU B 62 5.48 10.25 -15.77
N GLU B 63 4.47 10.01 -16.61
CA GLU B 63 3.27 10.82 -16.55
C GLU B 63 2.58 10.72 -15.20
N ASN B 64 2.46 9.50 -14.68
CA ASN B 64 1.80 9.32 -13.39
C ASN B 64 2.53 10.06 -12.28
N VAL B 65 3.86 10.08 -12.32
CA VAL B 65 4.58 10.75 -11.23
C VAL B 65 4.58 12.27 -11.41
N ILE B 66 4.76 12.74 -12.64
CA ILE B 66 4.85 14.17 -12.88
C ILE B 66 3.51 14.86 -12.64
N ARG B 67 2.40 14.18 -12.89
CA ARG B 67 1.11 14.79 -12.59
C ARG B 67 1.01 15.17 -11.11
N ASP B 68 1.35 14.23 -10.23
CA ASP B 68 1.29 14.50 -8.79
C ASP B 68 2.32 15.54 -8.38
N ALA B 69 3.53 15.50 -8.95
CA ALA B 69 4.52 16.50 -8.61
C ALA B 69 4.06 17.91 -8.97
N VAL B 70 3.47 18.07 -10.15
CA VAL B 70 2.99 19.39 -10.55
C VAL B 70 1.80 19.81 -9.70
N THR B 71 0.97 18.85 -9.27
CA THR B 71 -0.12 19.20 -8.36
C THR B 71 0.42 19.75 -7.05
N TYR B 72 1.39 19.06 -6.44
CA TYR B 72 2.03 19.56 -5.23
C TYR B 72 2.65 20.94 -5.46
N THR B 73 3.25 21.16 -6.63
CA THR B 73 3.89 22.44 -6.90
C THR B 73 2.86 23.56 -7.03
N GLU B 74 1.75 23.30 -7.70
CA GLU B 74 0.73 24.32 -7.87
C GLU B 74 0.03 24.65 -6.56
N HIS B 75 -0.17 23.66 -5.69
CA HIS B 75 -0.82 23.95 -4.41
C HIS B 75 -0.01 24.92 -3.57
N ALA B 76 1.32 24.90 -3.72
CA ALA B 76 2.18 25.79 -2.95
C ALA B 76 2.37 27.14 -3.61
N LYS B 77 1.65 27.43 -4.70
CA LYS B 77 1.73 28.69 -5.43
C LYS B 77 3.12 28.93 -6.01
N ARG B 78 3.88 27.87 -6.25
CA ARG B 78 5.22 27.97 -6.79
C ARG B 78 5.21 27.72 -8.30
N LYS B 79 6.29 28.15 -8.94
CA LYS B 79 6.50 27.91 -10.36
C LYS B 79 7.62 26.92 -10.64
N THR B 80 8.48 26.64 -9.67
CA THR B 80 9.59 25.72 -9.82
C THR B 80 9.23 24.41 -9.15
N VAL B 81 9.46 23.30 -9.86
CA VAL B 81 9.27 21.98 -9.27
C VAL B 81 10.52 21.61 -8.49
N THR B 82 10.35 21.29 -7.22
CA THR B 82 11.47 20.98 -6.34
C THR B 82 11.59 19.47 -6.16
N ALA B 83 12.69 19.05 -5.55
CA ALA B 83 12.91 17.62 -5.33
C ALA B 83 11.94 17.05 -4.32
N MET B 84 11.53 17.85 -3.33
CA MET B 84 10.58 17.35 -2.35
C MET B 84 9.22 17.05 -2.95
N ASP B 85 8.84 17.78 -4.00
CA ASP B 85 7.61 17.46 -4.71
C ASP B 85 7.69 16.07 -5.32
N VAL B 86 8.81 15.75 -5.97
CA VAL B 86 9.02 14.43 -6.53
C VAL B 86 9.02 13.38 -5.43
N VAL B 87 9.64 13.69 -4.30
CA VAL B 87 9.70 12.72 -3.20
C VAL B 87 8.30 12.42 -2.67
N TYR B 88 7.49 13.46 -2.47
CA TYR B 88 6.12 13.25 -2.00
C TYR B 88 5.29 12.51 -3.03
N ALA B 89 5.45 12.84 -4.31
CA ALA B 89 4.69 12.18 -5.36
C ALA B 89 5.02 10.69 -5.42
N LEU B 90 6.30 10.35 -5.31
CA LEU B 90 6.68 8.94 -5.29
C LEU B 90 6.19 8.25 -4.03
N LYS B 91 6.28 8.93 -2.89
CA LYS B 91 5.85 8.33 -1.63
C LYS B 91 4.36 8.02 -1.64
N ARG B 92 3.55 8.88 -2.23
CA ARG B 92 2.11 8.69 -2.18
C ARG B 92 1.64 7.56 -3.08
N GLN B 93 2.50 7.00 -3.92
CA GLN B 93 2.14 5.84 -4.73
C GLN B 93 2.97 4.62 -4.37
N GLY B 94 3.53 4.62 -3.17
CA GLY B 94 4.24 3.47 -2.66
C GLY B 94 5.60 3.23 -3.28
N ARG B 95 6.36 4.29 -3.53
CA ARG B 95 7.70 4.19 -4.09
C ARG B 95 8.62 5.16 -3.34
N THR B 96 8.83 4.90 -2.06
CA THR B 96 9.67 5.74 -1.22
C THR B 96 11.09 5.78 -1.77
N LEU B 97 11.71 6.95 -1.70
CA LEU B 97 13.06 7.16 -2.23
C LEU B 97 13.91 7.89 -1.20
N TYR B 98 14.96 7.23 -0.74
CA TYR B 98 15.91 7.83 0.19
C TYR B 98 17.07 8.47 -0.58
N GLY B 99 17.53 9.60 -0.07
CA GLY B 99 18.69 10.27 -0.64
C GLY B 99 18.45 11.68 -1.13
N PHE B 100 17.20 12.14 -1.15
CA PHE B 100 16.90 13.50 -1.59
C PHE B 100 16.09 14.29 -0.58
N GLY B 101 15.71 13.70 0.54
CA GLY B 101 14.82 14.35 1.48
C GLY B 101 15.47 15.48 2.28
N GLY B 102 16.56 16.03 1.77
CA GLY B 102 17.24 17.12 2.44
C GLY B 102 18.51 17.56 1.72
N ALA C 14 -31.83 28.94 13.47
CA ALA C 14 -31.29 27.59 13.68
C ALA C 14 -31.20 26.80 12.37
N LYS C 15 -31.06 27.52 11.25
CA LYS C 15 -31.01 26.85 9.91
C LYS C 15 -29.76 25.96 9.84
N THR C 16 -29.91 24.77 9.25
CA THR C 16 -28.76 23.82 9.15
C THR C 16 -27.82 24.27 8.03
N ARG C 17 -26.55 23.83 8.09
CA ARG C 17 -25.59 24.20 7.07
C ARG C 17 -25.72 23.37 5.80
N SER C 18 -26.23 22.14 5.90
CA SER C 18 -26.45 21.34 4.72
C SER C 18 -27.52 21.97 3.83
N SER C 19 -28.56 22.54 4.44
CA SER C 19 -29.60 23.20 3.65
C SER C 19 -29.07 24.49 3.04
N ARG C 20 -28.20 25.21 3.74
CA ARG C 20 -27.56 26.38 3.15
C ARG C 20 -26.69 26.01 1.96
N ALA C 21 -25.89 24.96 2.07
CA ALA C 21 -25.08 24.48 0.97
C ALA C 21 -25.88 23.68 -0.06
N GLY C 22 -27.13 23.35 0.24
CA GLY C 22 -27.94 22.56 -0.66
C GLY C 22 -27.52 21.11 -0.76
N LEU C 23 -27.27 20.46 0.38
CA LEU C 23 -26.75 19.10 0.40
C LEU C 23 -27.65 18.20 1.24
N GLN C 24 -27.41 16.89 1.13
CA GLN C 24 -28.09 15.89 1.93
C GLN C 24 -27.24 15.39 3.10
N PHE C 25 -25.94 15.27 2.90
CA PHE C 25 -25.02 14.82 3.94
C PHE C 25 -24.86 15.88 5.02
N PRO C 26 -24.46 15.49 6.23
CA PRO C 26 -24.42 16.44 7.35
C PRO C 26 -23.10 17.21 7.40
N VAL C 27 -23.18 18.53 7.27
CA VAL C 27 -21.98 19.36 7.33
C VAL C 27 -21.48 19.47 8.76
N GLY C 28 -22.39 19.52 9.74
CA GLY C 28 -21.97 19.61 11.12
C GLY C 28 -21.22 18.38 11.60
N ARG C 29 -21.69 17.20 11.23
CA ARG C 29 -20.99 15.98 11.62
C ARG C 29 -19.63 15.86 10.96
N VAL C 30 -19.53 16.26 9.69
CA VAL C 30 -18.23 16.24 9.01
C VAL C 30 -17.28 17.23 9.68
N HIS C 31 -17.78 18.40 10.07
CA HIS C 31 -16.95 19.37 10.77
C HIS C 31 -16.46 18.81 12.10
N ARG C 32 -17.35 18.15 12.85
CA ARG C 32 -16.97 17.59 14.13
C ARG C 32 -15.94 16.49 13.97
N LEU C 33 -16.11 15.63 12.96
CA LEU C 33 -15.14 14.57 12.73
C LEU C 33 -13.80 15.13 12.31
N LEU C 34 -13.78 16.21 11.54
CA LEU C 34 -12.53 16.85 11.20
C LEU C 34 -11.85 17.44 12.43
N ARG C 35 -12.62 18.13 13.27
CA ARG C 35 -12.05 18.73 14.47
C ARG C 35 -11.58 17.71 15.49
N LYS C 36 -12.18 16.52 15.51
CA LYS C 36 -11.83 15.50 16.49
C LYS C 36 -11.00 14.36 15.91
N GLY C 37 -10.57 14.46 14.66
CA GLY C 37 -9.73 13.45 14.06
C GLY C 37 -8.25 13.69 14.13
N ASN C 38 -7.81 14.80 14.71
CA ASN C 38 -6.38 15.15 14.82
C ASN C 38 -5.75 15.24 13.43
N TYR C 39 -6.27 16.15 12.62
CA TYR C 39 -5.73 16.37 11.28
C TYR C 39 -4.97 17.67 11.16
N ALA C 40 -5.37 18.69 11.89
CA ALA C 40 -4.66 19.97 11.94
C ALA C 40 -5.16 20.71 13.18
N GLU C 41 -4.45 21.78 13.53
CA GLU C 41 -4.85 22.57 14.68
C GLU C 41 -6.19 23.25 14.45
N ARG C 42 -6.43 23.76 13.24
CA ARG C 42 -7.63 24.49 12.93
C ARG C 42 -8.29 23.89 11.69
N VAL C 43 -9.59 24.14 11.55
CA VAL C 43 -10.39 23.67 10.43
C VAL C 43 -11.12 24.85 9.84
N GLY C 44 -10.94 25.09 8.55
CA GLY C 44 -11.60 26.20 7.88
C GLY C 44 -13.11 26.05 7.86
N ALA C 45 -13.77 27.14 7.49
CA ALA C 45 -15.23 27.15 7.50
C ALA C 45 -15.82 26.41 6.31
N GLY C 46 -15.17 26.46 5.15
CA GLY C 46 -15.68 25.85 3.95
C GLY C 46 -15.12 24.49 3.63
N ALA C 47 -14.20 23.98 4.44
CA ALA C 47 -13.68 22.63 4.26
C ALA C 47 -14.76 21.57 4.49
N PRO C 48 -15.58 21.65 5.56
CA PRO C 48 -16.62 20.65 5.73
C PRO C 48 -17.65 20.66 4.61
N VAL C 49 -17.98 21.83 4.08
CA VAL C 49 -18.91 21.91 2.97
C VAL C 49 -18.36 21.22 1.74
N TYR C 50 -17.11 21.52 1.40
CA TYR C 50 -16.47 20.89 0.24
C TYR C 50 -16.42 19.39 0.40
N LEU C 51 -16.02 18.91 1.58
CA LEU C 51 -15.87 17.48 1.78
C LEU C 51 -17.22 16.77 1.76
N ALA C 52 -18.25 17.35 2.37
CA ALA C 52 -19.58 16.74 2.32
C ALA C 52 -20.11 16.69 0.90
N ALA C 53 -19.87 17.74 0.11
CA ALA C 53 -20.31 17.70 -1.28
C ALA C 53 -19.60 16.60 -2.06
N VAL C 54 -18.31 16.42 -1.85
CA VAL C 54 -17.59 15.37 -2.57
C VAL C 54 -18.08 13.99 -2.15
N LEU C 55 -18.31 13.79 -0.85
CA LEU C 55 -18.81 12.50 -0.38
C LEU C 55 -20.18 12.19 -0.94
N GLU C 56 -21.08 13.17 -0.96
CA GLU C 56 -22.41 12.95 -1.52
C GLU C 56 -22.34 12.68 -3.02
N TYR C 57 -21.43 13.36 -3.73
CA TYR C 57 -21.28 13.09 -5.15
C TYR C 57 -20.85 11.65 -5.40
N LEU C 58 -19.84 11.18 -4.67
CA LEU C 58 -19.38 9.81 -4.88
C LEU C 58 -20.45 8.79 -4.49
N THR C 59 -21.18 9.06 -3.41
CA THR C 59 -22.28 8.19 -3.03
C THR C 59 -23.32 8.08 -4.15
N ALA C 60 -23.77 9.22 -4.68
CA ALA C 60 -24.73 9.18 -5.77
C ALA C 60 -24.19 8.48 -7.00
N GLU C 61 -22.92 8.71 -7.35
CA GLU C 61 -22.33 8.04 -8.50
C GLU C 61 -22.39 6.53 -8.35
N ILE C 62 -21.96 6.00 -7.20
CA ILE C 62 -21.96 4.55 -7.07
C ILE C 62 -23.39 4.01 -6.95
N LEU C 63 -24.31 4.74 -6.31
CA LEU C 63 -25.66 4.24 -6.14
C LEU C 63 -26.42 4.19 -7.45
N GLU C 64 -26.15 5.12 -8.36
CA GLU C 64 -26.84 5.07 -9.65
C GLU C 64 -26.50 3.80 -10.43
N LEU C 65 -25.20 3.48 -10.52
CA LEU C 65 -24.78 2.27 -11.19
C LEU C 65 -25.28 1.03 -10.48
N ALA C 66 -25.26 1.02 -9.14
CA ALA C 66 -25.79 -0.12 -8.42
C ALA C 66 -27.26 -0.34 -8.69
N GLY C 67 -28.06 0.72 -8.74
CA GLY C 67 -29.47 0.57 -9.07
C GLY C 67 -29.72 0.13 -10.49
N ASN C 68 -28.90 0.59 -11.44
CA ASN C 68 -29.02 0.07 -12.80
C ASN C 68 -28.73 -1.41 -12.85
N ALA C 69 -27.67 -1.86 -12.16
CA ALA C 69 -27.37 -3.28 -12.10
C ALA C 69 -28.49 -4.07 -11.43
N ALA C 70 -29.10 -3.51 -10.39
CA ALA C 70 -30.23 -4.18 -9.76
C ALA C 70 -31.41 -4.31 -10.69
N ARG C 71 -31.70 -3.28 -11.48
CA ARG C 71 -32.83 -3.35 -12.39
C ARG C 71 -32.56 -4.31 -13.54
N ASP C 72 -31.30 -4.44 -13.96
CA ASP C 72 -30.98 -5.39 -15.03
C ASP C 72 -31.22 -6.83 -14.62
N ASN C 73 -31.42 -7.11 -13.34
CA ASN C 73 -31.66 -8.46 -12.86
C ASN C 73 -33.06 -8.66 -12.30
N LYS C 74 -33.99 -7.76 -12.61
CA LYS C 74 -35.40 -7.90 -12.22
C LYS C 74 -35.56 -7.86 -10.70
N LYS C 75 -34.64 -7.17 -10.04
CA LYS C 75 -34.70 -6.98 -8.59
C LYS C 75 -35.02 -5.53 -8.29
N THR C 76 -35.62 -5.30 -7.12
CA THR C 76 -35.94 -3.95 -6.67
C THR C 76 -35.18 -3.55 -5.41
N ARG C 77 -34.26 -4.38 -4.94
CA ARG C 77 -33.37 -4.03 -3.83
C ARG C 77 -31.93 -4.18 -4.28
N ILE C 78 -31.07 -3.30 -3.79
CA ILE C 78 -29.65 -3.39 -4.06
C ILE C 78 -29.01 -4.29 -3.00
N ILE C 79 -28.24 -5.26 -3.46
CA ILE C 79 -27.54 -6.20 -2.59
C ILE C 79 -26.06 -6.10 -2.90
N PRO C 80 -25.16 -6.63 -2.07
CA PRO C 80 -23.72 -6.47 -2.34
C PRO C 80 -23.27 -6.94 -3.71
N ARG C 81 -23.97 -7.91 -4.30
CA ARG C 81 -23.62 -8.36 -5.65
C ARG C 81 -23.74 -7.23 -6.66
N HIS C 82 -24.81 -6.45 -6.55
CA HIS C 82 -25.02 -5.32 -7.45
C HIS C 82 -23.95 -4.25 -7.26
N LEU C 83 -23.57 -3.97 -6.01
CA LEU C 83 -22.49 -3.02 -5.77
C LEU C 83 -21.19 -3.51 -6.39
N GLN C 84 -20.88 -4.79 -6.24
CA GLN C 84 -19.68 -5.34 -6.84
C GLN C 84 -19.70 -5.21 -8.35
N LEU C 85 -20.82 -5.57 -8.98
CA LEU C 85 -20.94 -5.44 -10.43
C LEU C 85 -20.74 -3.99 -10.87
N ALA C 86 -21.39 -3.06 -10.18
CA ALA C 86 -21.31 -1.65 -10.55
C ALA C 86 -19.88 -1.13 -10.41
N VAL C 87 -19.19 -1.54 -9.36
CA VAL C 87 -17.84 -1.01 -9.13
C VAL C 87 -16.85 -1.61 -10.12
N ARG C 88 -16.93 -2.93 -10.35
CA ARG C 88 -15.96 -3.57 -11.21
C ARG C 88 -16.21 -3.34 -12.69
N ASN C 89 -17.43 -2.99 -13.08
CA ASN C 89 -17.70 -2.68 -14.47
C ASN C 89 -17.42 -1.23 -14.84
N ASP C 90 -16.98 -0.42 -13.89
CA ASP C 90 -16.65 0.98 -14.15
C ASP C 90 -15.14 1.17 -14.07
N GLU C 91 -14.57 1.84 -15.07
CA GLU C 91 -13.12 1.93 -15.17
C GLU C 91 -12.49 2.76 -14.07
N GLU C 92 -13.16 3.83 -13.62
CA GLU C 92 -12.61 4.70 -12.60
C GLU C 92 -12.96 4.27 -11.18
N LEU C 93 -14.17 3.76 -10.96
CA LEU C 93 -14.50 3.23 -9.65
C LEU C 93 -13.68 1.99 -9.32
N ASN C 94 -13.37 1.17 -10.32
CA ASN C 94 -12.53 0.00 -10.08
C ASN C 94 -11.11 0.41 -9.74
N LYS C 95 -10.68 1.58 -10.18
CA LYS C 95 -9.35 2.07 -9.84
C LYS C 95 -9.34 2.75 -8.48
N LEU C 96 -10.41 3.46 -8.13
CA LEU C 96 -10.51 4.02 -6.79
C LEU C 96 -10.57 2.92 -5.74
N LEU C 97 -11.30 1.84 -6.01
CA LEU C 97 -11.45 0.73 -5.09
C LEU C 97 -10.70 -0.50 -5.58
N GLY C 98 -9.43 -0.32 -5.96
CA GLY C 98 -8.69 -1.41 -6.56
C GLY C 98 -8.15 -2.40 -5.56
N ARG C 99 -8.03 -2.00 -4.30
CA ARG C 99 -7.53 -2.86 -3.23
C ARG C 99 -8.56 -3.05 -2.13
N VAL C 100 -9.84 -3.06 -2.51
CA VAL C 100 -10.95 -3.20 -1.58
C VAL C 100 -11.68 -4.50 -1.88
N THR C 101 -12.08 -5.20 -0.83
CA THR C 101 -12.84 -6.44 -0.94
C THR C 101 -14.26 -6.18 -0.45
N ILE C 102 -15.23 -6.49 -1.30
CA ILE C 102 -16.65 -6.31 -0.96
C ILE C 102 -17.20 -7.67 -0.55
N ALA C 103 -17.67 -7.77 0.69
CA ALA C 103 -18.16 -9.03 1.21
C ALA C 103 -19.43 -9.45 0.48
N GLN C 104 -19.50 -10.74 0.13
CA GLN C 104 -20.63 -11.32 -0.58
C GLN C 104 -20.84 -10.67 -1.95
N GLY C 105 -19.75 -10.29 -2.60
CA GLY C 105 -19.84 -9.61 -3.89
C GLY C 105 -19.56 -10.49 -5.07
N GLY C 106 -18.81 -11.56 -4.88
CA GLY C 106 -18.47 -12.45 -5.97
C GLY C 106 -17.43 -11.85 -6.90
N VAL C 107 -17.45 -12.32 -8.15
CA VAL C 107 -16.54 -11.86 -9.19
C VAL C 107 -17.33 -11.57 -10.45
N LEU C 108 -16.65 -11.05 -11.45
CA LEU C 108 -17.27 -10.82 -12.75
C LEU C 108 -17.18 -12.08 -13.60
N PRO C 109 -18.28 -12.47 -14.25
CA PRO C 109 -18.22 -13.61 -15.18
C PRO C 109 -17.25 -13.34 -16.32
N ASN C 110 -16.18 -14.13 -16.36
CA ASN C 110 -15.11 -13.90 -17.33
C ASN C 110 -14.33 -15.20 -17.52
N ILE C 111 -14.48 -15.81 -18.68
CA ILE C 111 -13.77 -17.05 -19.03
C ILE C 111 -12.75 -16.72 -20.11
N GLN C 112 -11.53 -17.21 -19.94
CA GLN C 112 -10.47 -17.00 -20.92
C GLN C 112 -10.82 -17.70 -22.23
N SER C 113 -10.51 -17.04 -23.35
CA SER C 113 -10.85 -17.58 -24.66
C SER C 113 -10.04 -18.82 -25.01
N VAL C 114 -8.91 -19.04 -24.34
CA VAL C 114 -8.09 -20.22 -24.63
C VAL C 114 -8.75 -21.48 -24.08
N LEU C 115 -9.63 -21.36 -23.09
CA LEU C 115 -10.28 -22.50 -22.47
C LEU C 115 -11.58 -22.88 -23.16
N LEU C 116 -12.09 -22.05 -24.05
CA LEU C 116 -13.34 -22.36 -24.74
C LEU C 116 -13.11 -23.42 -25.80
N PRO C 117 -14.12 -24.27 -26.07
CA PRO C 117 -13.94 -25.32 -27.06
C PRO C 117 -13.89 -24.75 -28.47
N LYS C 118 -13.27 -25.50 -29.37
CA LYS C 118 -13.13 -25.07 -30.76
C LYS C 118 -13.70 -26.12 -31.72
N ARG D 26 -27.38 -1.25 30.83
CA ARG D 26 -27.83 0.05 31.32
C ARG D 26 -28.64 0.75 30.23
N ARG D 27 -27.95 1.44 29.34
CA ARG D 27 -28.56 2.06 28.17
C ARG D 27 -27.68 1.85 26.96
N LYS D 28 -28.29 1.46 25.85
CA LYS D 28 -27.55 1.19 24.62
C LYS D 28 -26.95 2.48 24.08
N THR D 29 -25.65 2.49 23.85
CA THR D 29 -24.98 3.67 23.34
C THR D 29 -25.38 3.92 21.89
N ARG D 30 -25.66 5.19 21.57
CA ARG D 30 -26.07 5.54 20.23
C ARG D 30 -24.91 5.45 19.26
N LYS D 31 -25.08 4.61 18.24
CA LYS D 31 -24.09 4.40 17.19
C LYS D 31 -24.42 5.31 16.03
N GLU D 32 -23.41 5.92 15.43
CA GLU D 32 -23.62 6.83 14.32
C GLU D 32 -23.23 6.19 13.00
N SER D 33 -24.03 6.46 11.97
CA SER D 33 -23.77 5.95 10.64
C SER D 33 -24.28 6.98 9.63
N TYR D 34 -24.13 6.65 8.35
CA TYR D 34 -24.63 7.49 7.27
C TYR D 34 -25.86 6.90 6.61
N ALA D 35 -26.63 6.08 7.34
CA ALA D 35 -27.72 5.33 6.71
C ALA D 35 -28.80 6.25 6.16
N ILE D 36 -29.18 7.27 6.94
CA ILE D 36 -30.29 8.12 6.50
C ILE D 36 -29.89 8.98 5.31
N TYR D 37 -28.64 9.43 5.27
CA TYR D 37 -28.21 10.26 4.16
C TYR D 37 -28.03 9.45 2.88
N VAL D 38 -27.48 8.24 3.01
CA VAL D 38 -27.39 7.35 1.87
C VAL D 38 -28.78 7.00 1.36
N TYR D 39 -29.74 6.81 2.27
CA TYR D 39 -31.10 6.53 1.84
C TYR D 39 -31.74 7.72 1.13
N LYS D 40 -31.47 8.94 1.59
CA LYS D 40 -31.97 10.12 0.90
C LYS D 40 -31.38 10.25 -0.50
N VAL D 41 -30.07 10.05 -0.62
CA VAL D 41 -29.44 10.09 -1.94
C VAL D 41 -30.03 9.01 -2.84
N LEU D 42 -30.25 7.81 -2.32
CA LEU D 42 -30.85 6.75 -3.11
C LEU D 42 -32.24 7.14 -3.60
N LYS D 43 -33.08 7.65 -2.70
CA LYS D 43 -34.41 8.09 -3.12
C LYS D 43 -34.36 9.24 -4.11
N GLN D 44 -33.27 10.00 -4.15
CA GLN D 44 -33.10 10.97 -5.22
C GLN D 44 -32.73 10.34 -6.55
N VAL D 45 -31.80 9.38 -6.54
CA VAL D 45 -31.35 8.77 -7.79
C VAL D 45 -32.33 7.74 -8.31
N HIS D 46 -32.67 6.74 -7.51
CA HIS D 46 -33.65 5.72 -7.88
C HIS D 46 -34.81 5.78 -6.91
N PRO D 47 -35.92 6.40 -7.30
CA PRO D 47 -37.04 6.60 -6.36
C PRO D 47 -37.73 5.33 -5.93
N ASP D 48 -37.70 4.26 -6.74
CA ASP D 48 -38.46 3.05 -6.44
C ASP D 48 -37.59 1.87 -6.03
N THR D 49 -36.28 2.08 -5.89
CA THR D 49 -35.36 1.01 -5.53
C THR D 49 -35.08 1.05 -4.04
N GLY D 50 -34.98 -0.14 -3.42
CA GLY D 50 -34.61 -0.26 -2.03
C GLY D 50 -33.16 -0.68 -1.86
N ILE D 51 -32.82 -1.07 -0.64
CA ILE D 51 -31.46 -1.49 -0.32
C ILE D 51 -31.51 -2.36 0.93
N SER D 52 -30.65 -3.38 0.96
CA SER D 52 -30.62 -4.30 2.08
C SER D 52 -29.69 -3.79 3.17
N CYS D 53 -29.60 -4.56 4.25
CA CYS D 53 -28.80 -4.16 5.40
C CYS D 53 -27.32 -4.31 5.14
N LYS D 54 -26.92 -5.42 4.52
CA LYS D 54 -25.52 -5.65 4.22
C LYS D 54 -24.99 -4.63 3.21
N ALA D 55 -25.79 -4.29 2.21
CA ALA D 55 -25.39 -3.25 1.26
C ALA D 55 -25.26 -1.90 1.93
N MET D 56 -26.14 -1.59 2.87
CA MET D 56 -26.02 -0.32 3.59
C MET D 56 -24.76 -0.29 4.46
N SER D 57 -24.42 -1.42 5.08
CA SER D 57 -23.17 -1.49 5.81
C SER D 57 -21.97 -1.29 4.89
N ILE D 58 -22.02 -1.86 3.69
CA ILE D 58 -20.94 -1.66 2.73
C ILE D 58 -20.82 -0.20 2.33
N MET D 59 -21.97 0.45 2.12
CA MET D 59 -21.94 1.88 1.76
C MET D 59 -21.39 2.73 2.90
N ASN D 60 -21.75 2.39 4.14
CA ASN D 60 -21.19 3.09 5.30
C ASN D 60 -19.67 2.95 5.34
N SER D 61 -19.17 1.73 5.15
CA SER D 61 -17.73 1.53 5.13
C SER D 61 -17.06 2.32 4.01
N PHE D 62 -17.70 2.38 2.84
CA PHE D 62 -17.16 3.14 1.72
C PHE D 62 -17.05 4.62 2.05
N VAL D 63 -18.11 5.19 2.62
CA VAL D 63 -18.08 6.61 2.96
C VAL D 63 -16.99 6.89 3.98
N ASN D 64 -16.89 6.06 5.03
CA ASN D 64 -15.85 6.27 6.03
C ASN D 64 -14.46 6.17 5.42
N ASP D 65 -14.23 5.21 4.53
CA ASP D 65 -12.91 5.04 3.94
C ASP D 65 -12.52 6.24 3.09
N VAL D 66 -13.45 6.73 2.27
CA VAL D 66 -13.14 7.90 1.43
C VAL D 66 -12.89 9.11 2.30
N PHE D 67 -13.70 9.31 3.34
CA PHE D 67 -13.47 10.42 4.26
C PHE D 67 -12.06 10.36 4.84
N GLU D 68 -11.67 9.20 5.35
CA GLU D 68 -10.36 9.07 5.97
C GLU D 68 -9.24 9.33 4.98
N ARG D 69 -9.36 8.81 3.76
CA ARG D 69 -8.32 9.05 2.76
C ARG D 69 -8.16 10.54 2.48
N ILE D 70 -9.26 11.22 2.17
CA ILE D 70 -9.17 12.63 1.82
C ILE D 70 -8.65 13.46 3.00
N ALA D 71 -9.13 13.16 4.21
CA ALA D 71 -8.68 13.91 5.37
C ALA D 71 -7.21 13.71 5.65
N GLY D 72 -6.70 12.48 5.56
CA GLY D 72 -5.29 12.25 5.78
C GLY D 72 -4.43 12.94 4.73
N GLU D 73 -4.85 12.90 3.46
CA GLU D 73 -4.08 13.58 2.44
C GLU D 73 -4.06 15.09 2.64
N ALA D 74 -5.20 15.68 3.01
CA ALA D 74 -5.21 17.11 3.28
C ALA D 74 -4.38 17.48 4.49
N SER D 75 -4.36 16.61 5.50
CA SER D 75 -3.50 16.84 6.66
C SER D 75 -2.03 16.86 6.26
N ARG D 76 -1.59 15.88 5.47
CA ARG D 76 -0.22 15.87 4.99
C ARG D 76 0.07 17.12 4.15
N LEU D 77 -0.88 17.54 3.33
CA LEU D 77 -0.69 18.75 2.53
C LEU D 77 -0.47 19.96 3.42
N ALA D 78 -1.27 20.12 4.46
CA ALA D 78 -1.09 21.25 5.37
C ALA D 78 0.25 21.18 6.09
N HIS D 79 0.69 19.98 6.47
CA HIS D 79 1.97 19.85 7.16
C HIS D 79 3.14 20.16 6.23
N TYR D 80 3.01 19.81 4.94
CA TYR D 80 4.10 20.06 4.00
C TYR D 80 4.37 21.55 3.83
N ASN D 81 3.32 22.37 3.84
CA ASN D 81 3.46 23.80 3.60
C ASN D 81 3.54 24.60 4.89
N LYS D 82 3.67 23.94 6.04
CA LYS D 82 3.81 24.60 7.32
C LYS D 82 2.60 25.47 7.64
N ARG D 83 1.41 24.93 7.37
CA ARG D 83 0.16 25.57 7.69
C ARG D 83 -0.50 24.88 8.88
N SER D 84 -1.40 25.59 9.53
CA SER D 84 -2.12 25.08 10.69
C SER D 84 -3.60 24.85 10.41
N THR D 85 -4.12 25.35 9.30
CA THR D 85 -5.54 25.29 9.00
C THR D 85 -5.75 24.40 7.78
N ILE D 86 -6.72 23.49 7.88
CA ILE D 86 -7.21 22.74 6.74
C ILE D 86 -8.36 23.54 6.13
N THR D 87 -8.14 24.05 4.92
CA THR D 87 -9.12 24.85 4.22
C THR D 87 -9.69 24.04 3.05
N SER D 88 -10.55 24.69 2.27
CA SER D 88 -11.12 24.03 1.10
C SER D 88 -10.10 23.85 -0.02
N ARG D 89 -9.02 24.63 -0.04
CA ARG D 89 -7.97 24.41 -1.03
C ARG D 89 -7.26 23.09 -0.78
N GLU D 90 -6.99 22.78 0.49
CA GLU D 90 -6.41 21.49 0.82
C GLU D 90 -7.34 20.34 0.41
N ILE D 91 -8.64 20.50 0.64
CA ILE D 91 -9.60 19.47 0.27
C ILE D 91 -9.61 19.29 -1.25
N GLN D 92 -9.56 20.41 -1.99
CA GLN D 92 -9.57 20.32 -3.44
C GLN D 92 -8.32 19.65 -3.98
N THR D 93 -7.16 20.01 -3.45
CA THR D 93 -5.93 19.38 -3.90
C THR D 93 -5.90 17.90 -3.54
N ALA D 94 -6.42 17.54 -2.37
CA ALA D 94 -6.48 16.13 -2.00
C ALA D 94 -7.42 15.36 -2.93
N VAL D 95 -8.56 15.95 -3.29
CA VAL D 95 -9.47 15.31 -4.22
C VAL D 95 -8.79 15.11 -5.57
N ARG D 96 -8.00 16.09 -6.01
CA ARG D 96 -7.29 15.93 -7.27
C ARG D 96 -6.21 14.87 -7.19
N LEU D 97 -5.54 14.73 -6.05
CA LEU D 97 -4.52 13.71 -5.90
C LEU D 97 -5.11 12.30 -5.80
N LEU D 98 -6.30 12.16 -5.20
CA LEU D 98 -6.87 10.85 -4.93
C LEU D 98 -7.83 10.36 -6.00
N LEU D 99 -8.66 11.22 -6.55
CA LEU D 99 -9.62 10.66 -7.49
C LEU D 99 -9.04 10.64 -8.91
N PRO D 100 -9.38 9.62 -9.69
CA PRO D 100 -8.86 9.54 -11.06
C PRO D 100 -9.82 10.08 -12.11
N GLY D 101 -9.27 10.66 -13.18
CA GLY D 101 -10.04 10.98 -14.36
C GLY D 101 -11.15 12.00 -14.19
N GLU D 102 -12.33 11.68 -14.75
CA GLU D 102 -13.46 12.59 -14.70
C GLU D 102 -14.13 12.63 -13.33
N LEU D 103 -13.89 11.60 -12.51
CA LEU D 103 -14.35 11.66 -11.12
C LEU D 103 -13.81 12.91 -10.43
N ALA D 104 -12.52 13.19 -10.62
CA ALA D 104 -11.94 14.37 -9.99
C ALA D 104 -12.55 15.66 -10.51
N LYS D 105 -12.80 15.74 -11.82
CA LYS D 105 -13.38 16.96 -12.38
C LYS D 105 -14.78 17.21 -11.83
N HIS D 106 -15.63 16.18 -11.87
CA HIS D 106 -16.98 16.36 -11.37
C HIS D 106 -17.01 16.57 -9.87
N ALA D 107 -16.07 15.98 -9.13
CA ALA D 107 -16.02 16.21 -7.69
C ALA D 107 -15.60 17.63 -7.35
N VAL D 108 -14.58 18.16 -8.02
CA VAL D 108 -14.19 19.53 -7.73
C VAL D 108 -15.28 20.50 -8.17
N SER D 109 -16.00 20.21 -9.25
CA SER D 109 -17.09 21.10 -9.62
C SER D 109 -18.22 21.05 -8.60
N GLU D 110 -18.58 19.86 -8.11
CA GLU D 110 -19.61 19.75 -7.09
C GLU D 110 -19.22 20.50 -5.82
N GLY D 111 -18.00 20.28 -5.34
CA GLY D 111 -17.52 20.95 -4.15
C GLY D 111 -17.48 22.46 -4.29
N THR D 112 -16.99 22.95 -5.43
CA THR D 112 -16.95 24.38 -5.65
C THR D 112 -18.34 24.99 -5.68
N LYS D 113 -19.29 24.32 -6.34
CA LYS D 113 -20.66 24.84 -6.37
C LYS D 113 -21.27 24.86 -4.97
N ALA D 114 -21.03 23.81 -4.18
CA ALA D 114 -21.56 23.79 -2.83
C ALA D 114 -20.98 24.91 -1.98
N VAL D 115 -19.67 25.14 -2.06
CA VAL D 115 -19.06 26.20 -1.28
C VAL D 115 -19.55 27.56 -1.72
N THR D 116 -19.73 27.77 -3.03
CA THR D 116 -20.26 29.04 -3.51
C THR D 116 -21.67 29.29 -2.99
N LYS D 117 -22.54 28.28 -3.07
CA LYS D 117 -23.90 28.45 -2.58
C LYS D 117 -23.92 28.67 -1.07
N TYR D 118 -23.04 28.01 -0.33
CA TYR D 118 -22.99 28.20 1.12
C TYR D 118 -22.54 29.60 1.47
N THR D 119 -21.56 30.14 0.73
CA THR D 119 -21.03 31.45 1.05
C THR D 119 -21.98 32.57 0.61
N SER D 120 -22.67 32.40 -0.51
CA SER D 120 -23.61 33.41 -0.99
C SER D 120 -24.79 33.61 -0.06
N ALA D 121 -24.98 32.73 0.91
CA ALA D 121 -26.09 32.84 1.85
C ALA D 121 -25.64 33.50 3.15
N PRO E 38 -23.63 -45.79 -21.66
CA PRO E 38 -24.43 -44.70 -21.10
C PRO E 38 -24.02 -43.33 -21.63
N HIS E 39 -24.40 -42.27 -20.91
CA HIS E 39 -24.10 -40.92 -21.34
C HIS E 39 -22.96 -40.33 -20.50
N ARG E 40 -21.96 -39.79 -21.18
CA ARG E 40 -20.82 -39.17 -20.53
C ARG E 40 -20.43 -37.91 -21.27
N TYR E 41 -20.43 -36.79 -20.55
CA TYR E 41 -19.96 -35.53 -21.13
C TYR E 41 -18.45 -35.55 -21.31
N ARG E 42 -17.98 -34.83 -22.31
CA ARG E 42 -16.57 -34.85 -22.63
C ARG E 42 -15.77 -34.09 -21.58
N PRO E 43 -14.53 -34.51 -21.33
CA PRO E 43 -13.70 -33.83 -20.32
C PRO E 43 -13.49 -32.37 -20.69
N GLY E 44 -14.11 -31.48 -19.92
CA GLY E 44 -14.06 -30.06 -20.16
C GLY E 44 -15.41 -29.38 -20.18
N THR E 45 -16.46 -30.09 -20.59
CA THR E 45 -17.80 -29.51 -20.55
C THR E 45 -18.23 -29.26 -19.11
N VAL E 46 -18.02 -30.24 -18.22
CA VAL E 46 -18.37 -30.06 -16.82
C VAL E 46 -17.53 -28.97 -16.19
N ALA E 47 -16.28 -28.82 -16.63
CA ALA E 47 -15.42 -27.76 -16.09
C ALA E 47 -15.97 -26.38 -16.43
N LEU E 48 -16.37 -26.16 -17.68
CA LEU E 48 -16.92 -24.87 -18.06
C LEU E 48 -18.27 -24.62 -17.40
N ARG E 49 -19.09 -25.66 -17.31
CA ARG E 49 -20.35 -25.55 -16.59
C ARG E 49 -20.13 -25.09 -15.15
N GLU E 50 -19.18 -25.72 -14.44
CA GLU E 50 -18.90 -25.33 -13.07
C GLU E 50 -18.28 -23.95 -12.98
N ILE E 51 -17.44 -23.56 -13.94
CA ILE E 51 -16.88 -22.21 -13.93
C ILE E 51 -17.99 -21.18 -14.01
N ARG E 52 -18.93 -21.37 -14.94
CA ARG E 52 -20.08 -20.48 -15.01
C ARG E 52 -20.89 -20.49 -13.72
N ARG E 53 -21.14 -21.68 -13.17
CA ARG E 53 -21.96 -21.79 -11.97
C ARG E 53 -21.35 -21.03 -10.80
N TYR E 54 -20.06 -21.22 -10.57
CA TYR E 54 -19.41 -20.60 -9.41
C TYR E 54 -18.98 -19.17 -9.65
N GLN E 55 -18.96 -18.71 -10.90
CA GLN E 55 -18.80 -17.29 -11.17
C GLN E 55 -20.11 -16.53 -11.13
N LYS E 56 -21.24 -17.22 -11.22
CA LYS E 56 -22.53 -16.57 -11.08
C LYS E 56 -22.98 -16.38 -9.64
N SER E 57 -22.43 -17.15 -8.70
CA SER E 57 -22.88 -17.09 -7.32
C SER E 57 -21.91 -16.26 -6.46
N THR E 58 -22.29 -16.07 -5.20
CA THR E 58 -21.51 -15.25 -4.28
C THR E 58 -21.27 -15.91 -2.93
N GLU E 59 -21.82 -17.10 -2.67
CA GLU E 59 -21.70 -17.70 -1.36
C GLU E 59 -20.27 -18.19 -1.12
N LEU E 60 -19.99 -18.49 0.14
CA LEU E 60 -18.67 -19.00 0.51
C LEU E 60 -18.52 -20.45 0.08
N LEU E 61 -17.35 -20.77 -0.47
CA LEU E 61 -17.10 -22.07 -1.09
C LEU E 61 -16.40 -23.06 -0.16
N ILE E 62 -15.90 -22.60 0.98
CA ILE E 62 -15.28 -23.46 1.97
C ILE E 62 -16.28 -23.71 3.08
N ARG E 63 -16.28 -24.92 3.62
CA ARG E 63 -17.14 -25.23 4.75
C ARG E 63 -16.74 -24.39 5.96
N LYS E 64 -17.69 -24.17 6.86
CA LYS E 64 -17.50 -23.16 7.90
C LYS E 64 -16.88 -23.77 9.17
N LEU E 65 -17.33 -24.94 9.56
CA LEU E 65 -16.82 -25.59 10.76
C LEU E 65 -15.32 -25.93 10.62
N PRO E 66 -14.88 -26.52 9.50
CA PRO E 66 -13.44 -26.74 9.35
C PRO E 66 -12.62 -25.48 9.33
N PHE E 67 -13.11 -24.43 8.66
CA PHE E 67 -12.37 -23.17 8.64
C PHE E 67 -12.26 -22.57 10.03
N GLN E 68 -13.32 -22.67 10.83
CA GLN E 68 -13.26 -22.16 12.19
C GLN E 68 -12.28 -22.94 13.04
N ARG E 69 -12.29 -24.27 12.93
CA ARG E 69 -11.28 -25.05 13.64
C ARG E 69 -9.87 -24.68 13.23
N LEU E 70 -9.64 -24.49 11.93
CA LEU E 70 -8.31 -24.08 11.48
C LEU E 70 -7.91 -22.73 12.05
N VAL E 71 -8.85 -21.79 12.10
CA VAL E 71 -8.54 -20.46 12.62
C VAL E 71 -8.18 -20.53 14.10
N ARG E 72 -8.97 -21.27 14.87
CA ARG E 72 -8.66 -21.43 16.29
C ARG E 72 -7.32 -22.12 16.52
N GLU E 73 -7.00 -23.14 15.72
CA GLU E 73 -5.73 -23.81 15.85
C GLU E 73 -4.55 -22.88 15.53
N ILE E 74 -4.68 -22.06 14.49
CA ILE E 74 -3.62 -21.12 14.18
C ILE E 74 -3.48 -20.09 15.28
N ALA E 75 -4.60 -19.66 15.87
CA ALA E 75 -4.55 -18.61 16.87
C ALA E 75 -4.00 -19.09 18.20
N GLN E 76 -4.17 -20.38 18.53
CA GLN E 76 -3.70 -20.86 19.82
C GLN E 76 -2.19 -20.84 19.96
N ASP E 77 -1.46 -20.40 18.94
CA ASP E 77 -0.01 -20.28 19.01
C ASP E 77 0.45 -18.87 19.35
N PHE E 78 -0.44 -17.89 19.31
CA PHE E 78 -0.14 -16.52 19.68
C PHE E 78 -0.64 -16.17 21.06
N LYS E 79 -1.75 -16.77 21.50
CA LYS E 79 -2.26 -16.59 22.85
C LYS E 79 -3.25 -17.69 23.13
N THR E 80 -3.18 -18.24 24.34
CA THR E 80 -4.06 -19.34 24.72
C THR E 80 -5.36 -18.83 25.32
N ASP E 81 -6.38 -19.68 25.28
CA ASP E 81 -7.70 -19.37 25.80
C ASP E 81 -8.24 -18.07 25.19
N LEU E 82 -8.26 -18.03 23.87
CA LEU E 82 -8.85 -16.92 23.14
C LEU E 82 -10.29 -17.25 22.77
N ARG E 83 -11.08 -16.20 22.61
CA ARG E 83 -12.46 -16.31 22.14
C ARG E 83 -12.63 -15.46 20.90
N PHE E 84 -13.58 -15.87 20.05
CA PHE E 84 -13.82 -15.21 18.78
C PHE E 84 -15.29 -14.85 18.67
N GLN E 85 -15.58 -13.67 18.16
CA GLN E 85 -16.91 -13.38 17.68
C GLN E 85 -17.15 -14.12 16.38
N SER E 86 -18.39 -14.56 16.17
CA SER E 86 -18.72 -15.23 14.92
C SER E 86 -18.45 -14.36 13.71
N SER E 87 -18.73 -13.07 13.80
CA SER E 87 -18.43 -12.13 12.73
C SER E 87 -16.95 -12.02 12.44
N ALA E 88 -16.08 -12.21 13.43
CA ALA E 88 -14.64 -12.23 13.18
C ALA E 88 -14.25 -13.40 12.30
N VAL E 89 -14.77 -14.60 12.59
CA VAL E 89 -14.48 -15.75 11.77
C VAL E 89 -15.05 -15.58 10.37
N MET E 90 -16.23 -14.98 10.26
CA MET E 90 -16.79 -14.74 8.93
C MET E 90 -15.97 -13.75 8.14
N ALA E 91 -15.45 -12.71 8.79
CA ALA E 91 -14.58 -11.76 8.10
C ALA E 91 -13.29 -12.44 7.64
N LEU E 92 -12.71 -13.28 8.49
CA LEU E 92 -11.55 -14.05 8.10
C LEU E 92 -11.83 -14.92 6.89
N GLN E 93 -12.97 -15.60 6.85
CA GLN E 93 -13.29 -16.46 5.72
C GLN E 93 -13.49 -15.66 4.44
N GLU E 94 -14.20 -14.53 4.52
CA GLU E 94 -14.37 -13.69 3.34
C GLU E 94 -13.03 -13.24 2.79
N ALA E 95 -12.16 -12.71 3.65
CA ALA E 95 -10.85 -12.26 3.18
C ALA E 95 -10.03 -13.39 2.59
N SER E 96 -10.04 -14.56 3.23
CA SER E 96 -9.23 -15.68 2.75
C SER E 96 -9.70 -16.15 1.38
N GLU E 97 -11.02 -16.29 1.20
CA GLU E 97 -11.53 -16.75 -0.08
C GLU E 97 -11.29 -15.74 -1.18
N ALA E 98 -11.47 -14.44 -0.90
CA ALA E 98 -11.14 -13.44 -1.90
C ALA E 98 -9.67 -13.51 -2.31
N TYR E 99 -8.78 -13.65 -1.32
CA TYR E 99 -7.35 -13.78 -1.61
C TYR E 99 -7.07 -14.98 -2.50
N LEU E 100 -7.65 -16.14 -2.18
CA LEU E 100 -7.37 -17.34 -2.95
C LEU E 100 -7.91 -17.26 -4.37
N VAL E 101 -9.10 -16.68 -4.56
CA VAL E 101 -9.63 -16.52 -5.91
C VAL E 101 -8.74 -15.60 -6.73
N ALA E 102 -8.34 -14.47 -6.15
CA ALA E 102 -7.45 -13.56 -6.85
C ALA E 102 -6.11 -14.22 -7.19
N LEU E 103 -5.60 -15.07 -6.31
CA LEU E 103 -4.36 -15.78 -6.62
C LEU E 103 -4.55 -16.79 -7.75
N PHE E 104 -5.67 -17.50 -7.76
CA PHE E 104 -5.93 -18.45 -8.83
C PHE E 104 -6.09 -17.78 -10.19
N GLU E 105 -6.59 -16.55 -10.24
CA GLU E 105 -6.66 -15.84 -11.52
C GLU E 105 -5.26 -15.62 -12.11
N ASP E 106 -4.32 -15.15 -11.29
CA ASP E 106 -2.96 -14.94 -11.76
C ASP E 106 -2.26 -16.26 -12.07
N THR E 107 -2.54 -17.30 -11.28
CA THR E 107 -2.01 -18.62 -11.59
C THR E 107 -2.46 -19.10 -12.96
N ASN E 108 -3.74 -18.89 -13.29
CA ASN E 108 -4.24 -19.24 -14.61
C ASN E 108 -3.56 -18.43 -15.70
N LEU E 109 -3.37 -17.13 -15.47
CA LEU E 109 -2.64 -16.32 -16.44
C LEU E 109 -1.25 -16.87 -16.72
N ALA E 110 -0.52 -17.25 -15.66
CA ALA E 110 0.81 -17.81 -15.85
C ALA E 110 0.78 -19.14 -16.59
N ALA E 111 -0.14 -20.02 -16.21
CA ALA E 111 -0.28 -21.31 -16.89
C ALA E 111 -0.56 -21.13 -18.38
N ILE E 112 -1.37 -20.14 -18.73
CA ILE E 112 -1.64 -19.87 -20.14
C ILE E 112 -0.40 -19.29 -20.82
N HIS E 113 0.32 -18.42 -20.12
CA HIS E 113 1.56 -17.89 -20.68
C HIS E 113 2.52 -19.00 -21.04
N ALA E 114 2.60 -20.05 -20.22
CA ALA E 114 3.44 -21.19 -20.53
C ALA E 114 2.82 -22.15 -21.54
N LYS E 115 1.73 -21.75 -22.20
CA LYS E 115 1.07 -22.55 -23.23
C LYS E 115 0.53 -23.86 -22.67
N ARG E 116 -0.13 -23.80 -21.52
CA ARG E 116 -0.78 -24.94 -20.91
C ARG E 116 -2.19 -24.54 -20.49
N VAL E 117 -3.01 -25.56 -20.23
CA VAL E 117 -4.32 -25.35 -19.62
C VAL E 117 -4.40 -25.87 -18.20
N THR E 118 -3.42 -26.66 -17.76
CA THR E 118 -3.37 -27.19 -16.41
C THR E 118 -2.47 -26.32 -15.55
N ILE E 119 -2.97 -25.93 -14.38
CA ILE E 119 -2.17 -25.15 -13.46
C ILE E 119 -1.31 -26.09 -12.63
N MET E 120 -0.09 -25.68 -12.35
CA MET E 120 0.89 -26.46 -11.61
C MET E 120 1.46 -25.61 -10.50
N PRO E 121 2.09 -26.22 -9.50
CA PRO E 121 2.65 -25.43 -8.38
C PRO E 121 3.63 -24.35 -8.80
N LYS E 122 4.40 -24.58 -9.86
CA LYS E 122 5.30 -23.53 -10.33
C LYS E 122 4.56 -22.28 -10.79
N ASP E 123 3.33 -22.42 -11.27
CA ASP E 123 2.55 -21.25 -11.64
C ASP E 123 2.17 -20.42 -10.41
N ILE E 124 1.77 -21.09 -9.33
CA ILE E 124 1.49 -20.39 -8.09
C ILE E 124 2.75 -19.71 -7.57
N GLN E 125 3.89 -20.41 -7.65
CA GLN E 125 5.14 -19.83 -7.17
C GLN E 125 5.52 -18.60 -7.98
N LEU E 126 5.37 -18.66 -9.30
CA LEU E 126 5.67 -17.49 -10.13
C LEU E 126 4.73 -16.34 -9.84
N ALA E 127 3.44 -16.62 -9.67
CA ALA E 127 2.48 -15.57 -9.36
C ALA E 127 2.82 -14.88 -8.05
N ARG E 128 3.15 -15.65 -7.02
CA ARG E 128 3.49 -15.05 -5.72
C ARG E 128 4.85 -14.36 -5.76
N ARG E 129 5.73 -14.79 -6.64
CA ARG E 129 7.04 -14.15 -6.75
C ARG E 129 6.92 -12.79 -7.43
N ILE E 130 6.14 -12.70 -8.51
CA ILE E 130 6.02 -11.43 -9.21
C ILE E 130 5.18 -10.43 -8.41
N ARG E 131 4.17 -10.91 -7.68
CA ARG E 131 3.39 -10.01 -6.83
C ARG E 131 4.26 -9.34 -5.78
N GLY E 132 5.22 -10.06 -5.23
CA GLY E 132 6.03 -9.57 -4.14
C GLY E 132 5.76 -10.22 -2.80
N GLU E 133 5.40 -11.50 -2.77
CA GLU E 133 5.06 -12.18 -1.52
C GLU E 133 6.11 -13.22 -1.19
N ARG E 134 6.58 -13.95 -2.20
CA ARG E 134 7.58 -14.98 -1.99
C ARG E 134 8.44 -15.17 -3.24
N HIS F 18 -9.00 -24.82 29.98
CA HIS F 18 -7.88 -24.65 29.07
C HIS F 18 -8.16 -25.28 27.72
N ARG F 19 -9.36 -25.87 27.59
CA ARG F 19 -9.81 -26.51 26.37
C ARG F 19 -8.86 -27.61 25.93
N LYS F 20 -8.86 -27.93 24.63
CA LYS F 20 -8.01 -28.95 24.07
C LYS F 20 -7.09 -28.33 23.01
N VAL F 21 -6.13 -29.10 22.52
CA VAL F 21 -5.17 -28.63 21.53
C VAL F 21 -5.60 -29.15 20.17
N LEU F 22 -6.02 -28.23 19.30
CA LEU F 22 -6.38 -28.58 17.93
C LEU F 22 -5.13 -28.92 17.13
N ARG F 23 -5.24 -29.93 16.29
CA ARG F 23 -4.11 -30.38 15.48
C ARG F 23 -4.64 -31.02 14.21
N ASP F 24 -3.88 -30.83 13.12
CA ASP F 24 -4.21 -31.39 11.81
C ASP F 24 -5.57 -30.89 11.31
N ASN F 25 -5.71 -29.57 11.26
CA ASN F 25 -6.93 -28.94 10.79
C ASN F 25 -6.79 -28.34 9.39
N ILE F 26 -5.58 -28.30 8.84
CA ILE F 26 -5.41 -27.81 7.49
C ILE F 26 -5.98 -28.77 6.47
N GLN F 27 -6.10 -30.05 6.82
CA GLN F 27 -6.70 -31.04 5.94
C GLN F 27 -8.21 -30.91 5.85
N GLY F 28 -8.83 -30.14 6.73
CA GLY F 28 -10.24 -29.83 6.58
C GLY F 28 -10.55 -28.94 5.40
N ILE F 29 -9.56 -28.24 4.87
CA ILE F 29 -9.69 -27.52 3.60
C ILE F 29 -9.57 -28.58 2.52
N THR F 30 -10.70 -29.20 2.19
CA THR F 30 -10.69 -30.40 1.37
C THR F 30 -10.35 -30.06 -0.08
N LYS F 31 -10.21 -31.13 -0.87
CA LYS F 31 -9.92 -30.96 -2.29
C LYS F 31 -11.11 -30.41 -3.08
N PRO F 32 -12.36 -30.86 -2.88
CA PRO F 32 -13.47 -30.23 -3.60
C PRO F 32 -13.58 -28.73 -3.37
N ALA F 33 -13.27 -28.25 -2.16
CA ALA F 33 -13.36 -26.82 -1.90
C ALA F 33 -12.31 -26.03 -2.66
N ILE F 34 -11.09 -26.56 -2.72
CA ILE F 34 -10.05 -25.91 -3.51
C ILE F 34 -10.43 -25.94 -4.99
N ARG F 35 -11.08 -27.01 -5.45
CA ARG F 35 -11.54 -27.05 -6.83
C ARG F 35 -12.59 -25.98 -7.08
N ARG F 36 -13.50 -25.78 -6.14
CA ARG F 36 -14.52 -24.73 -6.29
C ARG F 36 -13.89 -23.35 -6.32
N LEU F 37 -12.91 -23.10 -5.47
CA LEU F 37 -12.20 -21.82 -5.50
C LEU F 37 -11.48 -21.62 -6.83
N ALA F 38 -10.87 -22.67 -7.37
CA ALA F 38 -10.20 -22.53 -8.66
C ALA F 38 -11.22 -22.34 -9.79
N ARG F 39 -12.39 -22.95 -9.69
CA ARG F 39 -13.43 -22.75 -10.70
C ARG F 39 -13.91 -21.30 -10.70
N ARG F 40 -14.17 -20.74 -9.52
CA ARG F 40 -14.50 -19.32 -9.47
C ARG F 40 -13.34 -18.46 -9.94
N GLY F 41 -12.12 -18.97 -9.82
CA GLY F 41 -10.98 -18.28 -10.41
C GLY F 41 -10.83 -18.44 -11.90
N GLY F 42 -11.73 -19.17 -12.54
CA GLY F 42 -11.67 -19.36 -13.98
C GLY F 42 -10.73 -20.43 -14.46
N VAL F 43 -10.34 -21.36 -13.60
CA VAL F 43 -9.35 -22.37 -13.94
C VAL F 43 -10.07 -23.60 -14.48
N LYS F 44 -9.52 -24.20 -15.54
CA LYS F 44 -10.16 -25.31 -16.23
C LYS F 44 -9.59 -26.67 -15.87
N ARG F 45 -8.28 -26.78 -15.67
CA ARG F 45 -7.64 -28.05 -15.35
C ARG F 45 -6.65 -27.84 -14.22
N ILE F 46 -6.57 -28.80 -13.31
CA ILE F 46 -5.84 -28.66 -12.05
C ILE F 46 -4.90 -29.84 -11.88
N SER F 47 -3.65 -29.56 -11.52
CA SER F 47 -2.70 -30.60 -11.21
C SER F 47 -2.97 -31.17 -9.82
N GLY F 48 -2.49 -32.40 -9.60
CA GLY F 48 -2.72 -33.06 -8.32
C GLY F 48 -1.88 -32.51 -7.19
N LEU F 49 -0.83 -31.76 -7.50
CA LEU F 49 0.04 -31.17 -6.50
C LEU F 49 -0.37 -29.76 -6.10
N ILE F 50 -1.53 -29.31 -6.55
CA ILE F 50 -1.97 -27.94 -6.27
C ILE F 50 -2.51 -27.81 -4.87
N TYR F 51 -3.06 -28.90 -4.31
CA TYR F 51 -3.81 -28.79 -3.07
C TYR F 51 -2.90 -28.50 -1.88
N GLU F 52 -1.77 -29.19 -1.78
CA GLU F 52 -0.83 -28.89 -0.70
C GLU F 52 -0.22 -27.50 -0.82
N GLU F 53 0.09 -27.06 -2.04
CA GLU F 53 0.59 -25.71 -2.23
C GLU F 53 -0.42 -24.67 -1.76
N THR F 54 -1.69 -24.86 -2.11
CA THR F 54 -2.72 -23.92 -1.69
C THR F 54 -2.94 -23.96 -0.19
N ARG F 55 -2.86 -25.13 0.42
CA ARG F 55 -2.97 -25.20 1.87
C ARG F 55 -1.86 -24.43 2.55
N GLY F 56 -0.62 -24.58 2.07
CA GLY F 56 0.47 -23.80 2.62
C GLY F 56 0.30 -22.31 2.45
N VAL F 57 -0.16 -21.88 1.27
CA VAL F 57 -0.36 -20.45 1.03
C VAL F 57 -1.43 -19.91 1.97
N LEU F 58 -2.55 -20.61 2.11
CA LEU F 58 -3.61 -20.17 3.01
C LEU F 58 -3.12 -20.12 4.44
N LYS F 59 -2.30 -21.09 4.85
CA LYS F 59 -1.78 -21.08 6.21
C LYS F 59 -0.90 -19.87 6.47
N VAL F 60 -0.03 -19.52 5.53
CA VAL F 60 0.79 -18.33 5.69
C VAL F 60 -0.07 -17.08 5.81
N PHE F 61 -1.05 -16.93 4.91
CA PHE F 61 -1.91 -15.75 4.92
C PHE F 61 -2.65 -15.61 6.24
N LEU F 62 -3.26 -16.71 6.70
CA LEU F 62 -3.99 -16.68 7.96
C LEU F 62 -3.06 -16.40 9.13
N GLU F 63 -1.85 -16.96 9.13
CA GLU F 63 -0.93 -16.66 10.22
C GLU F 63 -0.63 -15.18 10.30
N ASN F 64 -0.35 -14.52 9.18
CA ASN F 64 -0.07 -13.09 9.25
C ASN F 64 -1.27 -12.30 9.78
N VAL F 65 -2.45 -12.54 9.21
CA VAL F 65 -3.60 -11.75 9.60
C VAL F 65 -3.96 -11.98 11.06
N ILE F 66 -3.91 -13.24 11.52
CA ILE F 66 -4.28 -13.54 12.90
C ILE F 66 -3.25 -13.00 13.86
N ARG F 67 -1.97 -12.97 13.48
CA ARG F 67 -0.97 -12.34 14.32
C ARG F 67 -1.32 -10.88 14.58
N ASP F 68 -1.62 -10.13 13.50
CA ASP F 68 -1.96 -8.73 13.69
C ASP F 68 -3.23 -8.55 14.52
N ALA F 69 -4.24 -9.39 14.26
CA ALA F 69 -5.50 -9.25 15.00
C ALA F 69 -5.32 -9.53 16.48
N VAL F 70 -4.55 -10.55 16.84
CA VAL F 70 -4.31 -10.85 18.24
C VAL F 70 -3.48 -9.75 18.89
N THR F 71 -2.57 -9.13 18.14
CA THR F 71 -1.87 -7.97 18.67
C THR F 71 -2.84 -6.87 19.06
N TYR F 72 -3.77 -6.54 18.17
CA TYR F 72 -4.78 -5.52 18.50
C TYR F 72 -5.59 -5.94 19.73
N THR F 73 -6.03 -7.20 19.77
CA THR F 73 -6.84 -7.67 20.88
C THR F 73 -6.10 -7.57 22.20
N GLU F 74 -4.81 -7.89 22.21
CA GLU F 74 -4.03 -7.81 23.44
C GLU F 74 -3.78 -6.38 23.85
N HIS F 75 -3.55 -5.48 22.89
CA HIS F 75 -3.38 -4.07 23.27
C HIS F 75 -4.65 -3.52 23.90
N ALA F 76 -5.81 -3.86 23.36
CA ALA F 76 -7.06 -3.42 23.99
C ALA F 76 -7.35 -4.10 25.31
N LYS F 77 -6.51 -5.05 25.73
CA LYS F 77 -6.66 -5.76 27.00
C LYS F 77 -7.98 -6.53 27.07
N ARG F 78 -8.35 -7.16 25.96
CA ARG F 78 -9.52 -8.03 25.91
C ARG F 78 -9.10 -9.47 25.74
N LYS F 79 -10.05 -10.37 25.94
CA LYS F 79 -9.84 -11.80 25.74
C LYS F 79 -10.58 -12.35 24.54
N THR F 80 -11.43 -11.56 23.91
CA THR F 80 -12.21 -11.97 22.75
C THR F 80 -11.75 -11.19 21.54
N VAL F 81 -11.56 -11.89 20.43
CA VAL F 81 -11.19 -11.23 19.17
C VAL F 81 -12.46 -10.78 18.47
N THR F 82 -12.52 -9.49 18.13
CA THR F 82 -13.69 -8.90 17.52
C THR F 82 -13.50 -8.74 16.02
N ALA F 83 -14.57 -8.35 15.33
CA ALA F 83 -14.50 -8.17 13.90
C ALA F 83 -13.69 -6.95 13.51
N MET F 84 -13.71 -5.91 14.36
CA MET F 84 -12.93 -4.71 14.05
C MET F 84 -11.44 -4.98 14.14
N ASP F 85 -11.01 -5.88 15.02
CA ASP F 85 -9.61 -6.29 15.05
C ASP F 85 -9.18 -6.88 13.71
N VAL F 86 -10.01 -7.75 13.16
CA VAL F 86 -9.71 -8.34 11.86
C VAL F 86 -9.73 -7.28 10.77
N VAL F 87 -10.67 -6.33 10.85
CA VAL F 87 -10.74 -5.28 9.85
C VAL F 87 -9.48 -4.43 9.88
N TYR F 88 -9.01 -4.06 11.06
CA TYR F 88 -7.79 -3.27 11.18
C TYR F 88 -6.58 -4.06 10.70
N ALA F 89 -6.50 -5.34 11.07
CA ALA F 89 -5.39 -6.17 10.63
C ALA F 89 -5.33 -6.27 9.12
N LEU F 90 -6.48 -6.44 8.47
CA LEU F 90 -6.51 -6.49 7.01
C LEU F 90 -6.15 -5.15 6.41
N LYS F 91 -6.68 -4.06 6.96
CA LYS F 91 -6.43 -2.75 6.39
C LYS F 91 -4.96 -2.38 6.47
N ARG F 92 -4.29 -2.73 7.56
CA ARG F 92 -2.88 -2.39 7.66
C ARG F 92 -1.99 -3.22 6.75
N GLN F 93 -2.56 -4.19 6.04
CA GLN F 93 -1.83 -4.97 5.06
C GLN F 93 -2.25 -4.66 3.63
N GLY F 94 -3.01 -3.58 3.42
CA GLY F 94 -3.45 -3.23 2.09
C GLY F 94 -4.55 -4.10 1.54
N ARG F 95 -5.40 -4.64 2.40
CA ARG F 95 -6.50 -5.52 1.98
C ARG F 95 -7.77 -5.07 2.68
N THR F 96 -8.22 -3.86 2.37
CA THR F 96 -9.42 -3.30 2.97
C THR F 96 -10.63 -4.20 2.69
N LEU F 97 -11.52 -4.30 3.68
CA LEU F 97 -12.70 -5.15 3.60
C LEU F 97 -13.92 -4.35 4.03
N TYR F 98 -14.89 -4.25 3.13
CA TYR F 98 -16.15 -3.56 3.41
C TYR F 98 -17.21 -4.55 3.83
N GLY F 99 -18.06 -4.15 4.76
CA GLY F 99 -19.21 -4.93 5.13
C GLY F 99 -19.23 -5.48 6.54
N PHE F 100 -18.16 -5.30 7.31
CA PHE F 100 -18.10 -5.80 8.68
C PHE F 100 -17.83 -4.68 9.68
N GLY F 101 -18.50 -3.56 9.54
CA GLY F 101 -18.27 -2.42 10.41
C GLY F 101 -17.10 -1.57 9.95
N GLY F 102 -17.02 -0.37 10.51
CA GLY F 102 -15.97 0.56 10.14
C GLY F 102 -16.44 1.62 9.16
N ALA G 12 19.04 23.35 40.11
CA ALA G 12 20.01 22.27 39.93
C ALA G 12 20.64 22.35 38.54
N LYS G 13 21.58 21.44 38.27
CA LYS G 13 22.23 21.41 36.97
C LYS G 13 21.38 20.65 35.97
N ALA G 14 21.30 21.19 34.76
CA ALA G 14 20.44 20.64 33.72
C ALA G 14 21.08 19.40 33.11
N LYS G 15 20.49 18.24 33.38
CA LYS G 15 20.84 16.99 32.73
C LYS G 15 19.82 16.67 31.65
N THR G 16 20.31 16.39 30.45
CA THR G 16 19.40 16.07 29.35
C THR G 16 18.61 14.80 29.66
N ARG G 17 17.47 14.66 28.99
CA ARG G 17 16.64 13.49 29.21
C ARG G 17 17.20 12.25 28.53
N SER G 18 18.06 12.42 27.53
CA SER G 18 18.65 11.26 26.87
C SER G 18 19.86 10.74 27.63
N SER G 19 20.50 11.57 28.45
CA SER G 19 21.56 11.06 29.30
C SER G 19 21.02 10.29 30.48
N ARG G 20 19.79 10.59 30.90
CA ARG G 20 19.14 9.80 31.95
C ARG G 20 18.84 8.39 31.48
N ALA G 21 18.32 8.26 30.27
CA ALA G 21 18.01 6.96 29.69
C ALA G 21 19.23 6.26 29.12
N GLY G 22 20.38 6.93 29.06
CA GLY G 22 21.57 6.34 28.48
C GLY G 22 21.49 6.18 26.98
N LEU G 23 21.06 7.23 26.28
CA LEU G 23 20.88 7.18 24.83
C LEU G 23 21.76 8.21 24.14
N GLN G 24 21.89 8.06 22.83
CA GLN G 24 22.57 9.04 22.00
C GLN G 24 21.60 9.93 21.25
N PHE G 25 20.46 9.42 20.85
CA PHE G 25 19.44 10.17 20.14
C PHE G 25 18.77 11.18 21.06
N PRO G 26 18.24 12.28 20.51
CA PRO G 26 17.68 13.35 21.36
C PRO G 26 16.25 13.04 21.78
N VAL G 27 16.05 12.90 23.09
CA VAL G 27 14.72 12.62 23.60
C VAL G 27 13.84 13.87 23.53
N GLY G 28 14.42 15.05 23.82
CA GLY G 28 13.64 16.26 23.77
C GLY G 28 13.15 16.61 22.37
N ARG G 29 13.99 16.42 21.36
CA ARG G 29 13.56 16.68 19.99
C ARG G 29 12.47 15.71 19.56
N VAL G 30 12.57 14.45 19.97
CA VAL G 30 11.52 13.48 19.64
C VAL G 30 10.23 13.84 20.32
N HIS G 31 10.29 14.29 21.57
CA HIS G 31 9.08 14.75 22.26
C HIS G 31 8.46 15.93 21.54
N ARG G 32 9.29 16.89 21.11
CA ARG G 32 8.78 18.06 20.39
C ARG G 32 8.14 17.66 19.07
N LEU G 33 8.75 16.73 18.33
CA LEU G 33 8.19 16.30 17.07
C LEU G 33 6.91 15.49 17.25
N LEU G 34 6.78 14.79 18.38
CA LEU G 34 5.52 14.12 18.68
C LEU G 34 4.43 15.13 18.98
N ARG G 35 4.74 16.12 19.82
CA ARG G 35 3.76 17.15 20.14
C ARG G 35 3.32 17.94 18.92
N LYS G 36 4.25 18.36 18.06
CA LYS G 36 3.94 19.21 16.93
C LYS G 36 3.70 18.44 15.65
N GLY G 37 3.15 17.24 15.73
CA GLY G 37 2.89 16.42 14.56
C GLY G 37 1.46 15.98 14.38
N ASN G 38 0.56 16.39 15.28
CA ASN G 38 -0.86 16.04 15.21
C ASN G 38 -1.05 14.53 15.20
N TYR G 39 -0.61 13.91 16.29
CA TYR G 39 -0.81 12.48 16.48
C TYR G 39 -1.83 12.18 17.56
N ALA G 40 -1.88 12.98 18.60
CA ALA G 40 -2.89 12.85 19.64
C ALA G 40 -2.94 14.15 20.43
N GLU G 41 -3.93 14.25 21.31
CA GLU G 41 -4.03 15.44 22.13
C GLU G 41 -2.89 15.54 23.14
N ARG G 42 -2.48 14.41 23.72
CA ARG G 42 -1.45 14.40 24.73
C ARG G 42 -0.38 13.38 24.37
N VAL G 43 0.80 13.55 24.98
CA VAL G 43 1.94 12.66 24.76
C VAL G 43 2.50 12.29 26.12
N GLY G 44 2.56 11.00 26.41
CA GLY G 44 3.07 10.53 27.67
C GLY G 44 4.54 10.84 27.87
N ALA G 45 4.99 10.69 29.12
CA ALA G 45 6.36 11.04 29.46
C ALA G 45 7.37 10.03 28.96
N GLY G 46 6.99 8.75 28.89
CA GLY G 46 7.91 7.72 28.48
C GLY G 46 7.82 7.29 27.03
N ALA G 47 6.92 7.88 26.26
CA ALA G 47 6.80 7.56 24.85
C ALA G 47 7.97 8.08 24.03
N PRO G 48 8.44 9.33 24.23
CA PRO G 48 9.65 9.76 23.53
C PRO G 48 10.88 8.96 23.87
N VAL G 49 11.03 8.51 25.12
CA VAL G 49 12.18 7.70 25.48
C VAL G 49 12.14 6.35 24.76
N TYR G 50 10.99 5.68 24.79
CA TYR G 50 10.84 4.41 24.08
C TYR G 50 11.13 4.59 22.60
N LEU G 51 10.57 5.63 21.98
CA LEU G 51 10.75 5.82 20.55
C LEU G 51 12.19 6.13 20.20
N ALA G 52 12.86 6.98 20.99
CA ALA G 52 14.25 7.28 20.73
C ALA G 52 15.13 6.05 20.87
N ALA G 53 14.87 5.21 21.88
CA ALA G 53 15.63 3.98 22.01
C ALA G 53 15.45 3.07 20.82
N VAL G 54 14.21 2.93 20.33
CA VAL G 54 13.99 2.08 19.16
C VAL G 54 14.68 2.62 17.92
N LEU G 55 14.61 3.94 17.70
CA LEU G 55 15.28 4.53 16.55
C LEU G 55 16.78 4.35 16.62
N GLU G 56 17.37 4.54 17.79
CA GLU G 56 18.81 4.33 17.95
C GLU G 56 19.19 2.88 17.71
N TYR G 57 18.38 1.93 18.18
CA TYR G 57 18.67 0.53 17.94
C TYR G 57 18.67 0.22 16.44
N LEU G 58 17.66 0.68 15.72
CA LEU G 58 17.60 0.39 14.29
C LEU G 58 18.74 1.06 13.53
N THR G 59 19.09 2.30 13.91
CA THR G 59 20.23 2.96 13.30
C THR G 59 21.51 2.15 13.49
N ALA G 60 21.78 1.72 14.72
CA ALA G 60 22.98 0.93 14.97
C ALA G 60 22.97 -0.38 14.19
N GLU G 61 21.81 -1.04 14.11
CA GLU G 61 21.71 -2.28 13.38
C GLU G 61 22.07 -2.10 11.91
N ILE G 62 21.56 -1.04 11.29
CA ILE G 62 21.92 -0.81 9.89
C ILE G 62 23.39 -0.45 9.75
N LEU G 63 23.91 0.41 10.63
CA LEU G 63 25.27 0.91 10.47
C LEU G 63 26.31 -0.18 10.67
N GLU G 64 26.05 -1.16 11.55
CA GLU G 64 27.03 -2.22 11.74
C GLU G 64 27.19 -3.06 10.47
N LEU G 65 26.08 -3.47 9.87
CA LEU G 65 26.14 -4.23 8.63
C LEU G 65 26.75 -3.42 7.50
N ALA G 66 26.41 -2.13 7.41
CA ALA G 66 27.01 -1.30 6.38
C ALA G 66 28.51 -1.15 6.56
N GLY G 67 29.00 -1.05 7.80
CA GLY G 67 30.43 -1.01 8.02
C GLY G 67 31.14 -2.31 7.72
N ASN G 68 30.49 -3.44 8.01
CA ASN G 68 31.06 -4.72 7.60
C ASN G 68 31.15 -4.82 6.09
N ALA G 69 30.11 -4.38 5.39
CA ALA G 69 30.15 -4.35 3.93
C ALA G 69 31.25 -3.43 3.42
N ALA G 70 31.43 -2.26 4.05
CA ALA G 70 32.48 -1.36 3.66
C ALA G 70 33.86 -1.94 3.87
N ARG G 71 34.06 -2.70 4.94
CA ARG G 71 35.36 -3.33 5.17
C ARG G 71 35.61 -4.48 4.21
N ASP G 72 34.56 -5.21 3.81
CA ASP G 72 34.74 -6.27 2.83
C ASP G 72 35.27 -5.76 1.50
N ASN G 73 34.95 -4.53 1.13
CA ASN G 73 35.39 -3.95 -0.13
C ASN G 73 36.65 -3.10 0.04
N LYS G 74 37.38 -3.29 1.13
CA LYS G 74 38.63 -2.57 1.39
C LYS G 74 38.42 -1.06 1.38
N LYS G 75 37.31 -0.62 1.96
CA LYS G 75 37.01 0.79 2.10
C LYS G 75 36.93 1.15 3.58
N THR G 76 37.23 2.41 3.89
CA THR G 76 37.10 2.93 5.24
C THR G 76 36.09 4.06 5.30
N ARG G 77 34.99 3.92 4.57
CA ARG G 77 34.01 4.99 4.44
C ARG G 77 32.77 4.41 3.78
N ILE G 78 31.61 4.63 4.40
CA ILE G 78 30.38 4.02 3.93
C ILE G 78 29.77 4.89 2.83
N ILE G 79 29.39 4.26 1.72
CA ILE G 79 28.74 4.94 0.60
C ILE G 79 27.38 4.27 0.41
N PRO G 80 26.46 4.85 -0.38
CA PRO G 80 25.14 4.22 -0.53
C PRO G 80 25.18 2.79 -1.04
N ARG G 81 26.22 2.40 -1.78
CA ARG G 81 26.34 1.02 -2.22
C ARG G 81 26.40 0.08 -1.04
N HIS G 82 27.15 0.44 0.00
CA HIS G 82 27.28 -0.41 1.18
C HIS G 82 25.98 -0.51 1.94
N LEU G 83 25.24 0.60 2.04
CA LEU G 83 23.92 0.56 2.66
C LEU G 83 22.98 -0.36 1.90
N GLN G 84 22.98 -0.26 0.58
CA GLN G 84 22.13 -1.13 -0.23
C GLN G 84 22.48 -2.60 -0.03
N LEU G 85 23.79 -2.91 -0.05
CA LEU G 85 24.22 -4.28 0.16
C LEU G 85 23.79 -4.79 1.53
N ALA G 86 24.04 -4.00 2.57
CA ALA G 86 23.69 -4.42 3.92
C ALA G 86 22.19 -4.66 4.06
N VAL G 87 21.38 -3.80 3.44
CA VAL G 87 19.93 -3.94 3.59
C VAL G 87 19.44 -5.16 2.82
N ARG G 88 19.84 -5.30 1.56
CA ARG G 88 19.31 -6.39 0.75
C ARG G 88 19.85 -7.76 1.14
N ASN G 89 21.02 -7.82 1.78
CA ASN G 89 21.55 -9.11 2.21
C ASN G 89 20.98 -9.56 3.55
N ASP G 90 20.26 -8.69 4.25
CA ASP G 90 19.63 -9.04 5.52
C ASP G 90 18.14 -9.27 5.29
N GLU G 91 17.63 -10.39 5.79
CA GLU G 91 16.24 -10.75 5.49
C GLU G 91 15.25 -9.80 6.12
N GLU G 92 15.38 -9.54 7.43
CA GLU G 92 14.43 -8.69 8.13
C GLU G 92 14.54 -7.23 7.71
N LEU G 93 15.75 -6.73 7.48
CA LEU G 93 15.89 -5.37 6.98
C LEU G 93 15.35 -5.23 5.57
N ASN G 94 15.53 -6.26 4.74
CA ASN G 94 14.97 -6.22 3.39
C ASN G 94 13.44 -6.26 3.44
N LYS G 95 12.89 -6.98 4.41
CA LYS G 95 11.44 -7.01 4.56
C LYS G 95 10.91 -5.66 5.05
N LEU G 96 11.59 -5.04 6.00
CA LEU G 96 11.17 -3.74 6.48
C LEU G 96 11.26 -2.67 5.40
N LEU G 97 12.36 -2.62 4.66
CA LEU G 97 12.54 -1.65 3.59
C LEU G 97 12.28 -2.29 2.24
N GLY G 98 11.11 -2.90 2.07
CA GLY G 98 10.80 -3.60 0.85
C GLY G 98 10.35 -2.71 -0.28
N ARG G 99 9.67 -1.62 0.05
CA ARG G 99 9.12 -0.68 -0.93
C ARG G 99 9.96 0.60 -1.00
N VAL G 100 11.21 0.54 -0.59
CA VAL G 100 12.07 1.71 -0.51
C VAL G 100 13.16 1.60 -1.58
N THR G 101 13.49 2.73 -2.20
CA THR G 101 14.56 2.82 -3.18
C THR G 101 15.71 3.62 -2.58
N ILE G 102 16.92 3.08 -2.65
CA ILE G 102 18.10 3.75 -2.15
C ILE G 102 18.87 4.32 -3.35
N ALA G 103 19.01 5.64 -3.38
CA ALA G 103 19.66 6.29 -4.50
C ALA G 103 21.13 5.90 -4.58
N GLN G 104 21.59 5.61 -5.79
CA GLN G 104 22.98 5.21 -6.05
C GLN G 104 23.34 3.95 -5.29
N GLY G 105 22.40 3.02 -5.20
CA GLY G 105 22.62 1.79 -4.46
C GLY G 105 22.88 0.57 -5.32
N GLY G 106 22.37 0.57 -6.55
CA GLY G 106 22.56 -0.56 -7.43
C GLY G 106 21.68 -1.73 -7.04
N VAL G 107 22.12 -2.92 -7.44
CA VAL G 107 21.42 -4.17 -7.17
C VAL G 107 22.41 -5.19 -6.63
N LEU G 108 21.89 -6.34 -6.22
CA LEU G 108 22.74 -7.44 -5.77
C LEU G 108 23.21 -8.25 -6.97
N PRO G 109 24.52 -8.51 -7.09
CA PRO G 109 25.05 -9.36 -8.15
C PRO G 109 24.60 -10.82 -8.02
N ARG H 30 19.57 26.44 9.50
CA ARG H 30 18.77 25.80 10.54
C ARG H 30 17.88 24.70 9.96
N LYS H 31 18.51 23.79 9.23
CA LYS H 31 17.77 22.61 8.76
C LYS H 31 18.18 21.53 9.75
N GLU H 32 17.27 21.14 10.64
CA GLU H 32 17.66 20.16 11.68
C GLU H 32 17.78 18.79 11.02
N SER H 33 18.76 18.01 11.45
CA SER H 33 18.95 16.66 10.91
C SER H 33 19.41 15.81 12.05
N TYR H 34 19.50 14.52 11.83
CA TYR H 34 20.00 13.56 12.80
C TYR H 34 21.46 13.21 12.58
N ALA H 35 22.19 14.03 11.83
CA ALA H 35 23.54 13.64 11.39
C ALA H 35 24.47 13.39 12.57
N ILE H 36 24.42 14.25 13.59
CA ILE H 36 25.38 14.10 14.68
C ILE H 36 25.11 12.87 15.53
N TYR H 37 23.84 12.50 15.72
CA TYR H 37 23.53 11.30 16.48
C TYR H 37 23.85 10.04 15.70
N VAL H 38 23.59 10.04 14.39
CA VAL H 38 24.06 8.96 13.54
C VAL H 38 25.56 8.81 13.63
N TYR H 39 26.30 9.93 13.66
CA TYR H 39 27.75 9.84 13.74
C TYR H 39 28.20 9.32 15.10
N LYS H 40 27.51 9.72 16.18
CA LYS H 40 27.84 9.20 17.50
C LYS H 40 27.59 7.71 17.60
N VAL H 41 26.54 7.21 16.96
CA VAL H 41 26.28 5.77 16.95
C VAL H 41 27.33 5.03 16.12
N LEU H 42 27.67 5.57 14.94
CA LEU H 42 28.69 4.96 14.11
C LEU H 42 30.01 4.86 14.84
N LYS H 43 30.38 5.91 15.58
CA LYS H 43 31.63 5.84 16.35
C LYS H 43 31.59 4.76 17.41
N GLN H 44 30.41 4.30 17.82
CA GLN H 44 30.28 3.19 18.75
C GLN H 44 30.37 1.84 18.09
N VAL H 45 29.71 1.65 16.94
CA VAL H 45 29.78 0.35 16.28
C VAL H 45 31.10 0.16 15.56
N HIS H 46 31.56 1.15 14.79
CA HIS H 46 32.81 1.07 14.04
C HIS H 46 33.63 2.31 14.37
N PRO H 47 34.56 2.21 15.33
CA PRO H 47 35.31 3.40 15.73
C PRO H 47 36.14 4.03 14.63
N ASP H 48 36.59 3.24 13.66
CA ASP H 48 37.41 3.73 12.55
C ASP H 48 36.72 3.52 11.21
N THR H 49 35.66 4.27 10.95
CA THR H 49 34.93 4.20 9.70
C THR H 49 34.16 5.50 9.52
N GLY H 50 34.34 6.13 8.35
CA GLY H 50 33.64 7.35 8.03
C GLY H 50 32.34 7.10 7.29
N ILE H 51 31.76 8.19 6.82
CA ILE H 51 30.51 8.12 6.06
C ILE H 51 30.42 9.36 5.20
N SER H 52 29.86 9.21 4.01
CA SER H 52 29.79 10.31 3.06
C SER H 52 28.51 11.11 3.24
N CYS H 53 28.40 12.22 2.52
CA CYS H 53 27.22 13.07 2.62
C CYS H 53 25.97 12.37 2.10
N LYS H 54 26.09 11.65 0.99
CA LYS H 54 24.93 10.97 0.42
C LYS H 54 24.44 9.84 1.33
N ALA H 55 25.36 9.07 1.89
CA ALA H 55 24.98 8.03 2.84
C ALA H 55 24.36 8.62 4.10
N MET H 56 24.87 9.76 4.56
CA MET H 56 24.29 10.41 5.74
C MET H 56 22.89 10.91 5.46
N SER H 57 22.65 11.49 4.28
CA SER H 57 21.30 11.88 3.93
C SER H 57 20.36 10.70 3.77
N ILE H 58 20.86 9.57 3.27
CA ILE H 58 20.03 8.36 3.21
C ILE H 58 19.65 7.90 4.62
N MET H 59 20.61 7.93 5.55
CA MET H 59 20.30 7.56 6.93
C MET H 59 19.30 8.51 7.56
N ASN H 60 19.41 9.80 7.26
CA ASN H 60 18.45 10.78 7.76
C ASN H 60 17.05 10.48 7.23
N SER H 61 16.93 10.21 5.93
CA SER H 61 15.65 9.82 5.37
C SER H 61 15.10 8.57 6.02
N PHE H 62 15.97 7.60 6.32
CA PHE H 62 15.53 6.36 6.93
C PHE H 62 14.96 6.58 8.31
N VAL H 63 15.65 7.36 9.15
CA VAL H 63 15.15 7.57 10.50
C VAL H 63 13.87 8.40 10.47
N ASN H 64 13.77 9.38 9.56
CA ASN H 64 12.50 10.10 9.44
C ASN H 64 11.36 9.18 9.02
N ASP H 65 11.61 8.27 8.07
CA ASP H 65 10.57 7.37 7.60
C ASP H 65 10.08 6.46 8.72
N VAL H 66 11.00 5.85 9.46
CA VAL H 66 10.55 4.96 10.52
C VAL H 66 9.88 5.72 11.66
N PHE H 67 10.32 6.94 11.97
CA PHE H 67 9.60 7.77 12.93
C PHE H 67 8.16 7.97 12.48
N GLU H 68 7.96 8.38 11.23
CA GLU H 68 6.61 8.62 10.74
C GLU H 68 5.76 7.37 10.81
N ARG H 69 6.31 6.22 10.41
CA ARG H 69 5.55 4.97 10.47
C ARG H 69 5.09 4.66 11.90
N ILE H 70 6.03 4.66 12.84
CA ILE H 70 5.69 4.27 14.21
C ILE H 70 4.71 5.26 14.81
N ALA H 71 4.90 6.56 14.55
CA ALA H 71 4.01 7.56 15.13
C ALA H 71 2.61 7.47 14.55
N GLY H 72 2.48 7.25 13.24
CA GLY H 72 1.16 7.09 12.67
C GLY H 72 0.44 5.86 13.19
N GLU H 73 1.17 4.75 13.33
CA GLU H 73 0.54 3.55 13.86
C GLU H 73 0.11 3.73 15.30
N ALA H 74 0.92 4.40 16.13
CA ALA H 74 0.52 4.67 17.50
C ALA H 74 -0.68 5.60 17.58
N SER H 75 -0.74 6.61 16.71
CA SER H 75 -1.90 7.48 16.64
C SER H 75 -3.17 6.70 16.33
N ARG H 76 -3.11 5.82 15.32
CA ARG H 76 -4.27 5.00 15.01
C ARG H 76 -4.64 4.09 16.16
N LEU H 77 -3.66 3.50 16.85
CA LEU H 77 -3.96 2.67 18.01
C LEU H 77 -4.66 3.44 19.11
N ALA H 78 -4.23 4.67 19.35
CA ALA H 78 -4.90 5.49 20.37
C ALA H 78 -6.30 5.87 19.94
N HIS H 79 -6.52 6.11 18.66
CA HIS H 79 -7.87 6.44 18.19
C HIS H 79 -8.80 5.24 18.29
N TYR H 80 -8.31 4.04 17.97
CA TYR H 80 -9.16 2.85 17.99
C TYR H 80 -9.72 2.58 19.39
N ASN H 81 -8.95 2.88 20.43
CA ASN H 81 -9.33 2.56 21.79
C ASN H 81 -9.94 3.75 22.53
N LYS H 82 -10.26 4.82 21.81
CA LYS H 82 -10.90 6.01 22.39
C LYS H 82 -10.03 6.62 23.48
N ARG H 83 -8.75 6.81 23.19
CA ARG H 83 -7.81 7.41 24.11
C ARG H 83 -7.27 8.71 23.53
N SER H 84 -6.87 9.60 24.43
CA SER H 84 -6.30 10.89 24.05
C SER H 84 -4.78 10.92 24.12
N THR H 85 -4.17 10.10 24.96
CA THR H 85 -2.73 10.11 25.20
C THR H 85 -2.05 9.03 24.38
N ILE H 86 -0.86 9.35 23.88
CA ILE H 86 0.04 8.36 23.31
C ILE H 86 1.10 8.04 24.35
N THR H 87 1.14 6.80 24.79
CA THR H 87 2.05 6.38 25.86
C THR H 87 3.08 5.40 25.29
N SER H 88 3.96 4.92 26.18
CA SER H 88 4.97 3.96 25.77
C SER H 88 4.35 2.62 25.39
N ARG H 89 3.15 2.34 25.89
CA ARG H 89 2.47 1.11 25.54
C ARG H 89 2.02 1.12 24.09
N GLU H 90 1.50 2.26 23.63
CA GLU H 90 1.16 2.40 22.21
C GLU H 90 2.38 2.27 21.33
N ILE H 91 3.52 2.85 21.76
CA ILE H 91 4.74 2.72 20.99
C ILE H 91 5.18 1.27 20.92
N GLN H 92 5.08 0.55 22.03
CA GLN H 92 5.45 -0.86 22.04
C GLN H 92 4.57 -1.68 21.09
N THR H 93 3.27 -1.45 21.13
CA THR H 93 2.39 -2.19 20.24
C THR H 93 2.63 -1.83 18.78
N ALA H 94 2.91 -0.56 18.49
CA ALA H 94 3.22 -0.17 17.12
C ALA H 94 4.51 -0.82 16.63
N VAL H 95 5.50 -0.93 17.51
CA VAL H 95 6.74 -1.63 17.15
C VAL H 95 6.45 -3.09 16.85
N ARG H 96 5.64 -3.74 17.68
CA ARG H 96 5.31 -5.14 17.43
C ARG H 96 4.49 -5.32 16.16
N LEU H 97 3.73 -4.31 15.74
CA LEU H 97 2.99 -4.41 14.50
C LEU H 97 3.87 -4.14 13.27
N LEU H 98 4.86 -3.26 13.40
CA LEU H 98 5.65 -2.82 12.25
C LEU H 98 6.95 -3.59 12.07
N LEU H 99 7.61 -4.01 13.15
CA LEU H 99 8.88 -4.62 12.82
C LEU H 99 8.72 -6.13 12.68
N PRO H 100 9.47 -6.75 11.77
CA PRO H 100 9.30 -8.19 11.53
C PRO H 100 10.23 -9.03 12.39
N GLY H 101 9.67 -10.05 13.01
CA GLY H 101 10.45 -11.10 13.64
C GLY H 101 11.33 -10.71 14.80
N GLU H 102 12.64 -10.84 14.62
CA GLU H 102 13.59 -10.64 15.71
C GLU H 102 13.92 -9.16 15.91
N LEU H 103 13.79 -8.37 14.85
CA LEU H 103 13.91 -6.92 15.02
C LEU H 103 12.93 -6.40 16.05
N ALA H 104 11.68 -6.87 15.99
CA ALA H 104 10.67 -6.44 16.95
C ALA H 104 11.04 -6.85 18.36
N LYS H 105 11.49 -8.08 18.56
CA LYS H 105 11.85 -8.55 19.89
C LYS H 105 12.99 -7.73 20.48
N HIS H 106 14.05 -7.52 19.70
CA HIS H 106 15.18 -6.75 20.21
C HIS H 106 14.84 -5.29 20.43
N ALA H 107 14.03 -4.69 19.55
CA ALA H 107 13.63 -3.30 19.76
C ALA H 107 12.76 -3.15 21.00
N VAL H 108 11.87 -4.11 21.24
CA VAL H 108 11.06 -4.06 22.46
C VAL H 108 11.94 -4.15 23.69
N SER H 109 12.92 -5.06 23.69
CA SER H 109 13.83 -5.15 24.83
C SER H 109 14.60 -3.85 25.02
N GLU H 110 15.11 -3.26 23.94
CA GLU H 110 15.86 -2.00 24.05
C GLU H 110 15.00 -0.89 24.63
N GLY H 111 13.80 -0.70 24.08
CA GLY H 111 12.91 0.35 24.56
C GLY H 111 12.51 0.17 26.01
N THR H 112 12.19 -1.06 26.40
CA THR H 112 11.84 -1.30 27.79
C THR H 112 13.00 -1.01 28.72
N LYS H 113 14.21 -1.44 28.34
CA LYS H 113 15.39 -1.16 29.15
C LYS H 113 15.61 0.35 29.29
N ALA H 114 15.46 1.10 28.20
CA ALA H 114 15.63 2.55 28.27
C ALA H 114 14.60 3.21 29.18
N VAL H 115 13.33 2.85 29.03
CA VAL H 115 12.30 3.45 29.88
C VAL H 115 12.52 3.09 31.34
N THR H 116 12.96 1.87 31.62
CA THR H 116 13.25 1.48 33.00
C THR H 116 14.41 2.28 33.57
N LYS H 117 15.45 2.52 32.77
CA LYS H 117 16.58 3.28 33.26
C LYS H 117 16.21 4.75 33.47
N TYR H 118 15.36 5.29 32.60
CA TYR H 118 14.99 6.70 32.71
C TYR H 118 14.14 6.95 33.94
N THR H 119 13.20 6.05 34.22
CA THR H 119 12.28 6.24 35.34
C THR H 119 13.00 6.26 36.68
N SER H 120 13.79 5.22 36.96
CA SER H 120 14.49 5.13 38.24
C SER H 120 15.76 5.96 38.20
N ALA H 121 15.64 7.24 37.85
CA ALA H 121 16.80 8.12 37.77
C ALA H 121 16.37 9.58 37.77
#